data_6HSJ
#
_entry.id   6HSJ
#
_cell.length_a   132.960
_cell.length_b   80.880
_cell.length_c   96.470
_cell.angle_alpha   90.00
_cell.angle_beta   126.29
_cell.angle_gamma   90.00
#
_symmetry.space_group_name_H-M   'C 1 2 1'
#
loop_
_entity.id
_entity.type
_entity.pdbx_description
1 polymer 'SCP2-thiolase (type-1)'
2 polymer 'SCP2-thiolase (type-1)'
3 non-polymer 'ACETATE ION'
4 non-polymer GLYCEROL
5 non-polymer 'COENZYME A'
6 water water
#
loop_
_entity_poly.entity_id
_entity_poly.type
_entity_poly.pdbx_seq_one_letter_code
_entity_poly.pdbx_strand_id
1 'polypeptide(L)'
;MHHHHHHAMAALRNRVFVIGVGMTKFEKPGARDIDYPDMAKEAGQRALADAGIKYSAIQQACVGYVYGDSTCGQRAIYHS
LGLSGIPIINVNNNCSTGSTALFMGRQLIQGGLADCVLALGFEKMERGSLSSKYMDRTNPMDKHMEVMINRYGLAAVPAA
PQMFGNAGREHMEKYGTKPEHFAKVAWKNHKHSTNNPYSQFQDEYSLEQVIDSRKVFEFLTLLQCCPTSDGAGAAVLASE
SFVRRNGLEKKAVEIVAQEMVTDLSTTFEENSCMKMVGYDMTRLAAERCYDTAGVKPSDVDVIELHDCFSANELITYEAL
GLCPEGKAGELIDRGDNTYGGKWVINPSGGLISKGHPLGATGLAQCAELCWQLRAEAGPRQVPGAKLALQHNIGLGGAVV
VTLYKMGFPQETSS
;
A
2 'polypeptide(L)'
;MHHHHHHAMAALRNRVFVIGVGMTKFEKPGARDIDYPDMAKEAGQRALADAGIKYSAIQQACVGYVYGDSTCGQRAIYHS
LGLSGIPIINVNNN(CSO)STGSTALFMGRQLIQGGLADCVLALGFEKMERGSLSSKYMDRTNPMDKHMEVMINRYGLAA
VPAAPQMFGNAGREHMEKYGTKPEHFAKVAWKNHKHSTNNPYSQFQDEYSLEQVIDSRKVFEFLTLLQCCPTSDGAGAAV
LASESFVRRNGLEKKAVEIVAQEMVTDLSTTFEENSCMKMVGYDMTRLAAERCYDTAGVKPSDVDVIELHDCFSANELIT
YEALGLCPEGKAGELIDRGDNTYGGKWVINPSGGLISKGHPLGATGLAQCAELCWQLRAEAGPRQVPGAKLALQHNIGLG
GAVVVTLYKMGFPQETSS
;
B
#
loop_
_chem_comp.id
_chem_comp.type
_chem_comp.name
_chem_comp.formula
ACT non-polymer 'ACETATE ION' 'C2 H3 O2 -1'
COA non-polymer 'COENZYME A' 'C21 H36 N7 O16 P3 S'
GOL non-polymer GLYCEROL 'C3 H8 O3'
#
# COMPACT_ATOMS: atom_id res chain seq x y z
N ASN A 14 -18.13 2.41 26.28
CA ASN A 14 -17.01 2.22 27.24
C ASN A 14 -15.85 1.51 26.51
N ARG A 15 -14.66 2.09 26.52
CA ARG A 15 -13.46 1.48 25.88
C ARG A 15 -13.03 0.27 26.72
N VAL A 16 -12.47 -0.74 26.07
CA VAL A 16 -12.04 -1.99 26.73
C VAL A 16 -10.59 -2.29 26.39
N PHE A 17 -9.82 -2.70 27.37
CA PHE A 17 -8.36 -2.95 27.22
C PHE A 17 -8.02 -4.33 27.77
N VAL A 18 -7.12 -4.99 27.06
CA VAL A 18 -6.44 -6.22 27.57
C VAL A 18 -5.17 -5.77 28.27
N ILE A 19 -5.08 -5.96 29.57
CA ILE A 19 -3.94 -5.44 30.40
C ILE A 19 -3.01 -6.56 30.84
N GLY A 20 -3.35 -7.83 30.58
CA GLY A 20 -2.49 -8.95 30.92
C GLY A 20 -2.89 -10.16 30.12
N VAL A 21 -1.93 -10.95 29.68
CA VAL A 21 -2.20 -12.22 28.94
C VAL A 21 -1.32 -13.32 29.47
N GLY A 22 -1.78 -14.55 29.32
CA GLY A 22 -1.00 -15.71 29.76
C GLY A 22 -1.47 -16.96 29.07
N MET A 23 -0.59 -17.90 28.83
CA MET A 23 -1.06 -19.21 28.35
C MET A 23 -0.10 -20.30 28.80
N THR A 24 -0.60 -21.51 28.83
CA THR A 24 0.25 -22.71 28.88
C THR A 24 0.82 -22.98 27.51
N LYS A 25 1.87 -23.78 27.46
CA LYS A 25 2.21 -24.44 26.18
C LYS A 25 1.00 -25.29 25.77
N PHE A 26 0.68 -25.34 24.50
CA PHE A 26 -0.34 -26.26 23.94
C PHE A 26 0.37 -27.56 23.57
N GLU A 27 -0.05 -28.68 24.15
CA GLU A 27 0.67 -29.98 23.96
C GLU A 27 -0.29 -31.06 23.52
N LYS A 28 0.26 -32.15 22.98
CA LYS A 28 -0.55 -33.32 22.58
C LYS A 28 -1.35 -33.78 23.81
N PRO A 29 -2.65 -34.13 23.69
CA PRO A 29 -3.39 -34.65 24.84
C PRO A 29 -2.64 -35.85 25.46
N GLY A 30 -2.44 -35.78 26.78
CA GLY A 30 -1.74 -36.82 27.56
C GLY A 30 -0.24 -36.63 27.63
N ALA A 31 0.33 -35.66 26.90
CA ALA A 31 1.79 -35.39 26.92
C ALA A 31 2.19 -34.87 28.30
N ARG A 32 1.36 -34.04 28.90
CA ARG A 32 1.62 -33.39 30.19
C ARG A 32 0.62 -33.91 31.21
N ASP A 33 1.12 -34.40 32.34
CA ASP A 33 0.30 -35.08 33.36
C ASP A 33 -0.21 -34.06 34.38
N ILE A 34 -0.96 -33.07 33.92
CA ILE A 34 -1.72 -32.18 34.85
C ILE A 34 -3.16 -32.08 34.37
N ASP A 35 -4.06 -31.85 35.30
CA ASP A 35 -5.50 -31.79 34.98
C ASP A 35 -5.86 -30.34 34.66
N TYR A 36 -7.09 -30.14 34.22
CA TYR A 36 -7.48 -28.84 33.65
C TYR A 36 -7.37 -27.74 34.72
N PRO A 37 -7.65 -27.95 36.04
CA PRO A 37 -7.51 -26.83 36.97
C PRO A 37 -6.06 -26.32 37.02
N ASP A 38 -5.07 -27.19 37.00
CA ASP A 38 -3.66 -26.74 37.03
C ASP A 38 -3.31 -26.02 35.73
N MET A 39 -3.88 -26.43 34.59
CA MET A 39 -3.64 -25.74 33.30
CA MET A 39 -3.61 -25.73 33.31
C MET A 39 -4.20 -24.31 33.41
N ALA A 40 -5.44 -24.20 33.87
CA ALA A 40 -6.11 -22.91 34.09
C ALA A 40 -5.28 -22.04 35.03
N LYS A 41 -4.78 -22.62 36.12
CA LYS A 41 -3.99 -21.85 37.11
C LYS A 41 -2.71 -21.31 36.45
N GLU A 42 -2.02 -22.13 35.67
CA GLU A 42 -0.77 -21.67 35.03
C GLU A 42 -1.09 -20.49 34.11
N ALA A 43 -2.11 -20.61 33.26
CA ALA A 43 -2.45 -19.53 32.30
C ALA A 43 -2.98 -18.30 33.07
N GLY A 44 -3.86 -18.52 34.03
CA GLY A 44 -4.54 -17.43 34.75
C GLY A 44 -3.54 -16.65 35.60
N GLN A 45 -2.70 -17.38 36.33
CA GLN A 45 -1.71 -16.66 37.18
C GLN A 45 -0.70 -15.95 36.28
N ARG A 46 -0.37 -16.46 35.10
CA ARG A 46 0.54 -15.73 34.18
C ARG A 46 -0.16 -14.44 33.73
N ALA A 47 -1.46 -14.48 33.41
CA ALA A 47 -2.15 -13.27 32.96
C ALA A 47 -2.21 -12.24 34.10
N LEU A 48 -2.46 -12.71 35.32
CA LEU A 48 -2.57 -11.77 36.47
C LEU A 48 -1.20 -11.17 36.79
N ALA A 49 -0.13 -11.96 36.68
CA ALA A 49 1.26 -11.43 36.89
C ALA A 49 1.56 -10.41 35.81
N ASP A 50 1.16 -10.68 34.58
CA ASP A 50 1.41 -9.76 33.45
C ASP A 50 0.69 -8.46 33.74
N ALA A 51 -0.58 -8.55 34.16
CA ALA A 51 -1.45 -7.38 34.42
C ALA A 51 -0.87 -6.54 35.57
N GLY A 52 -0.31 -7.19 36.59
CA GLY A 52 0.29 -6.50 37.75
C GLY A 52 -0.76 -6.01 38.72
N ILE A 53 -1.86 -6.76 38.87
CA ILE A 53 -3.01 -6.38 39.74
C ILE A 53 -3.18 -7.42 40.84
N LYS A 54 -3.85 -7.00 41.91
CA LYS A 54 -4.28 -7.93 42.98
C LYS A 54 -5.35 -8.86 42.40
N TYR A 55 -5.36 -10.11 42.85
CA TYR A 55 -6.39 -11.09 42.44
C TYR A 55 -7.80 -10.61 42.77
N SER A 56 -7.95 -9.85 43.86
CA SER A 56 -9.25 -9.30 44.31
C SER A 56 -9.80 -8.27 43.33
N ALA A 57 -9.01 -7.72 42.40
CA ALA A 57 -9.45 -6.74 41.39
C ALA A 57 -10.41 -7.42 40.41
N ILE A 58 -10.30 -8.74 40.23
CA ILE A 58 -11.17 -9.49 39.28
C ILE A 58 -12.61 -9.47 39.83
N GLN A 59 -13.55 -8.88 39.09
CA GLN A 59 -14.96 -8.77 39.56
C GLN A 59 -15.85 -9.89 39.02
N GLN A 60 -15.50 -10.43 37.86
CA GLN A 60 -16.24 -11.54 37.22
C GLN A 60 -15.25 -12.34 36.38
N ALA A 61 -15.55 -13.61 36.18
CA ALA A 61 -14.75 -14.50 35.32
C ALA A 61 -15.67 -15.04 34.22
N CYS A 62 -15.18 -15.04 32.99
CA CYS A 62 -15.84 -15.67 31.83
C CYS A 62 -14.97 -16.84 31.41
N VAL A 63 -15.53 -18.04 31.40
CA VAL A 63 -14.73 -19.29 31.28
C VAL A 63 -15.22 -20.12 30.10
N GLY A 64 -14.34 -20.40 29.14
CA GLY A 64 -14.67 -21.13 27.91
C GLY A 64 -14.09 -22.54 27.96
N TYR A 65 -14.92 -23.55 27.80
CA TYR A 65 -14.48 -24.96 27.67
C TYR A 65 -15.66 -25.75 27.12
N VAL A 66 -15.38 -26.84 26.45
CA VAL A 66 -16.45 -27.64 25.80
C VAL A 66 -16.70 -28.92 26.56
N TYR A 67 -15.66 -29.60 27.00
CA TYR A 67 -15.82 -30.95 27.62
C TYR A 67 -15.99 -30.77 29.12
N GLY A 68 -16.86 -31.57 29.73
CA GLY A 68 -17.04 -31.64 31.19
C GLY A 68 -18.31 -30.94 31.61
N ASP A 69 -18.67 -31.02 32.88
CA ASP A 69 -20.00 -30.56 33.33
C ASP A 69 -19.93 -29.06 33.64
N SER A 70 -21.05 -28.50 34.07
CA SER A 70 -21.23 -27.04 34.30
C SER A 70 -20.38 -26.55 35.48
N THR A 71 -19.84 -27.42 36.34
CA THR A 71 -19.06 -26.98 37.53
C THR A 71 -17.57 -26.77 37.18
N CYS A 72 -17.07 -27.19 36.02
CA CYS A 72 -15.62 -27.14 35.74
C CYS A 72 -15.11 -25.69 35.72
N GLY A 73 -15.89 -24.72 35.24
CA GLY A 73 -15.48 -23.31 35.20
C GLY A 73 -15.17 -22.82 36.60
N GLN A 74 -16.10 -23.03 37.54
CA GLN A 74 -15.94 -22.67 38.97
C GLN A 74 -14.74 -23.41 39.55
N ARG A 75 -14.61 -24.70 39.26
CA ARG A 75 -13.50 -25.49 39.84
C ARG A 75 -12.17 -24.89 39.39
N ALA A 76 -12.05 -24.54 38.12
CA ALA A 76 -10.80 -23.98 37.56
C ALA A 76 -10.52 -22.62 38.18
N ILE A 77 -11.53 -21.74 38.28
CA ILE A 77 -11.33 -20.40 38.88
C ILE A 77 -10.94 -20.49 40.34
N TYR A 78 -11.59 -21.33 41.15
CA TYR A 78 -11.23 -21.37 42.58
C TYR A 78 -9.82 -21.92 42.74
N HIS A 79 -9.42 -22.90 41.94
CA HIS A 79 -8.05 -23.46 41.98
C HIS A 79 -7.03 -22.38 41.59
N SER A 80 -7.41 -21.48 40.69
CA SER A 80 -6.52 -20.44 40.13
C SER A 80 -6.42 -19.24 41.09
N LEU A 81 -7.54 -18.76 41.63
CA LEU A 81 -7.59 -17.45 42.32
C LEU A 81 -7.83 -17.62 43.82
N GLY A 82 -8.29 -18.80 44.23
CA GLY A 82 -8.86 -19.01 45.57
C GLY A 82 -10.37 -18.90 45.53
N LEU A 83 -11.03 -19.25 46.63
CA LEU A 83 -12.50 -19.19 46.69
C LEU A 83 -12.93 -17.74 46.74
N SER A 84 -14.02 -17.42 46.04
CA SER A 84 -14.61 -16.07 46.12
C SER A 84 -16.08 -16.16 45.73
N GLY A 85 -16.78 -15.04 45.88
CA GLY A 85 -18.21 -14.90 45.55
C GLY A 85 -18.42 -14.37 44.15
N ILE A 86 -17.38 -14.18 43.34
CA ILE A 86 -17.56 -13.47 42.05
C ILE A 86 -18.39 -14.34 41.11
N PRO A 87 -19.15 -13.71 40.19
CA PRO A 87 -19.77 -14.45 39.12
C PRO A 87 -18.73 -15.20 38.28
N ILE A 88 -19.08 -16.43 37.97
CA ILE A 88 -18.28 -17.30 37.07
C ILE A 88 -19.23 -17.72 35.95
N ILE A 89 -19.02 -17.12 34.81
CA ILE A 89 -19.90 -17.31 33.62
C ILE A 89 -19.29 -18.36 32.71
N ASN A 90 -20.04 -19.41 32.43
CA ASN A 90 -19.60 -20.43 31.45
C ASN A 90 -20.05 -19.95 30.06
N VAL A 91 -19.10 -19.82 29.12
CA VAL A 91 -19.37 -19.34 27.75
C VAL A 91 -20.29 -20.32 27.04
N ASN A 92 -20.07 -21.61 27.22
CA ASN A 92 -20.76 -22.64 26.39
C ASN A 92 -22.10 -23.02 27.05
N ASN A 93 -23.13 -22.21 26.85
CA ASN A 93 -24.47 -22.44 27.44
C ASN A 93 -25.24 -23.48 26.60
N ASN A 94 -26.36 -23.97 27.15
CA ASN A 94 -27.16 -25.08 26.56
C ASN A 94 -27.99 -24.60 25.34
N CYS A 95 -28.00 -23.31 25.01
CA CYS A 95 -28.58 -22.81 23.73
C CYS A 95 -27.67 -23.17 22.54
N SER A 96 -26.41 -23.57 22.78
CA SER A 96 -25.42 -23.90 21.73
C SER A 96 -25.17 -22.67 20.83
N THR A 97 -25.31 -21.45 21.37
CA THR A 97 -25.07 -20.17 20.67
C THR A 97 -23.94 -19.39 21.36
N GLY A 98 -23.13 -20.07 22.18
CA GLY A 98 -22.03 -19.47 22.96
C GLY A 98 -21.03 -18.72 22.09
N SER A 99 -20.40 -17.69 22.63
CA SER A 99 -19.38 -16.89 21.93
C SER A 99 -18.01 -17.40 22.41
N THR A 100 -17.24 -16.53 23.05
CA THR A 100 -15.88 -16.84 23.54
C THR A 100 -15.67 -16.12 24.86
N ALA A 101 -14.71 -16.59 25.65
CA ALA A 101 -14.44 -15.97 26.96
C ALA A 101 -14.04 -14.50 26.77
N LEU A 102 -13.18 -14.22 25.80
CA LEU A 102 -12.73 -12.84 25.56
C LEU A 102 -13.91 -11.98 25.12
N PHE A 103 -14.76 -12.50 24.24
CA PHE A 103 -15.89 -11.71 23.69
C PHE A 103 -16.82 -11.33 24.84
N MET A 104 -17.13 -12.30 25.68
CA MET A 104 -18.03 -12.09 26.86
CA MET A 104 -18.03 -12.06 26.84
CA MET A 104 -18.04 -12.03 26.83
C MET A 104 -17.38 -11.08 27.83
N GLY A 105 -16.09 -11.24 28.09
CA GLY A 105 -15.43 -10.31 29.03
C GLY A 105 -15.47 -8.89 28.48
N ARG A 106 -15.29 -8.74 27.16
CA ARG A 106 -15.36 -7.42 26.49
C ARG A 106 -16.78 -6.87 26.67
N GLN A 107 -17.80 -7.73 26.51
CA GLN A 107 -19.22 -7.32 26.68
C GLN A 107 -19.43 -6.75 28.09
N LEU A 108 -18.91 -7.43 29.10
CA LEU A 108 -19.15 -7.03 30.51
C LEU A 108 -18.53 -5.65 30.72
N ILE A 109 -17.33 -5.41 30.21
CA ILE A 109 -16.65 -4.09 30.40
C ILE A 109 -17.44 -3.04 29.60
N GLN A 110 -17.68 -3.31 28.33
CA GLN A 110 -18.24 -2.32 27.38
C GLN A 110 -19.65 -1.96 27.84
N GLY A 111 -20.38 -2.92 28.40
CA GLY A 111 -21.75 -2.73 28.93
C GLY A 111 -21.81 -2.11 30.31
N GLY A 112 -20.66 -1.81 30.95
CA GLY A 112 -20.59 -1.20 32.29
C GLY A 112 -21.03 -2.16 33.38
N LEU A 113 -20.96 -3.48 33.15
CA LEU A 113 -21.37 -4.49 34.15
C LEU A 113 -20.20 -4.84 35.07
N ALA A 114 -18.96 -4.49 34.69
CA ALA A 114 -17.72 -4.73 35.47
C ALA A 114 -16.64 -3.75 35.00
N ASP A 115 -15.67 -3.50 35.87
CA ASP A 115 -14.47 -2.67 35.61
C ASP A 115 -13.28 -3.56 35.25
N CYS A 116 -13.23 -4.80 35.75
CA CYS A 116 -12.05 -5.67 35.57
C CYS A 116 -12.52 -7.12 35.60
N VAL A 117 -12.20 -7.88 34.55
CA VAL A 117 -12.72 -9.26 34.40
C VAL A 117 -11.56 -10.18 33.98
N LEU A 118 -11.66 -11.43 34.35
CA LEU A 118 -10.73 -12.46 33.85
C LEU A 118 -11.46 -13.28 32.78
N ALA A 119 -10.86 -13.39 31.60
CA ALA A 119 -11.30 -14.33 30.53
C ALA A 119 -10.35 -15.52 30.61
N LEU A 120 -10.90 -16.72 30.73
CA LEU A 120 -10.12 -17.95 30.91
C LEU A 120 -10.69 -19.01 29.98
N GLY A 121 -9.82 -19.74 29.31
CA GLY A 121 -10.29 -20.86 28.48
C GLY A 121 -9.36 -22.03 28.61
N PHE A 122 -9.87 -23.24 28.51
CA PHE A 122 -9.02 -24.44 28.68
C PHE A 122 -9.67 -25.60 27.97
N GLU A 123 -8.89 -26.60 27.64
CA GLU A 123 -9.44 -27.91 27.25
C GLU A 123 -8.46 -29.00 27.63
N LYS A 124 -8.97 -30.08 28.22
CA LYS A 124 -8.26 -31.35 28.53
C LYS A 124 -9.14 -32.46 27.90
N MET A 125 -8.75 -32.98 26.73
CA MET A 125 -9.49 -34.07 26.02
C MET A 125 -9.86 -35.16 27.02
N GLU A 126 -11.08 -35.71 26.90
CA GLU A 126 -11.49 -36.93 27.65
C GLU A 126 -10.96 -36.84 29.10
N ASN A 139 -23.98 -41.11 7.33
CA ASN A 139 -23.62 -42.01 6.20
C ASN A 139 -22.25 -42.65 6.48
N PRO A 140 -21.74 -43.53 5.61
CA PRO A 140 -20.41 -44.12 5.79
C PRO A 140 -19.26 -43.12 5.85
N MET A 141 -19.32 -42.01 5.12
CA MET A 141 -18.20 -41.02 5.13
C MET A 141 -18.15 -40.34 6.50
N ASP A 142 -19.29 -40.05 7.12
CA ASP A 142 -19.31 -39.42 8.46
C ASP A 142 -18.70 -40.39 9.48
N LYS A 143 -19.02 -41.67 9.40
CA LYS A 143 -18.40 -42.69 10.28
C LYS A 143 -16.88 -42.75 10.03
N HIS A 144 -16.45 -42.76 8.77
CA HIS A 144 -15.01 -42.81 8.41
C HIS A 144 -14.32 -41.58 8.99
N MET A 145 -14.88 -40.38 8.84
CA MET A 145 -14.26 -39.15 9.37
C MET A 145 -14.21 -39.17 10.90
N GLU A 146 -15.22 -39.71 11.56
CA GLU A 146 -15.22 -39.80 13.04
C GLU A 146 -14.04 -40.66 13.49
N VAL A 147 -13.84 -41.80 12.83
CA VAL A 147 -12.69 -42.67 13.19
C VAL A 147 -11.38 -41.94 12.87
N MET A 148 -11.28 -41.32 11.70
CA MET A 148 -10.07 -40.57 11.26
CA MET A 148 -10.07 -40.60 11.28
C MET A 148 -9.74 -39.51 12.31
N ILE A 149 -10.74 -38.76 12.74
CA ILE A 149 -10.53 -37.65 13.73
C ILE A 149 -9.93 -38.22 15.02
N ASN A 150 -10.47 -39.32 15.50
CA ASN A 150 -10.01 -40.03 16.73
C ASN A 150 -8.56 -40.50 16.49
N ARG A 151 -8.30 -41.22 15.41
CA ARG A 151 -6.99 -41.92 15.27
C ARG A 151 -5.88 -40.94 14.87
N TYR A 152 -6.19 -39.89 14.12
CA TYR A 152 -5.19 -38.88 13.67
C TYR A 152 -5.09 -37.75 14.72
N GLY A 153 -5.98 -37.71 15.70
CA GLY A 153 -5.98 -36.65 16.74
C GLY A 153 -6.27 -35.27 16.14
N LEU A 154 -7.33 -35.16 15.35
CA LEU A 154 -7.75 -33.87 14.74
C LEU A 154 -8.75 -33.18 15.66
N ALA A 155 -8.69 -31.85 15.71
CA ALA A 155 -9.63 -31.06 16.49
C ALA A 155 -10.74 -30.58 15.58
N ALA A 156 -11.59 -31.50 15.18
CA ALA A 156 -12.66 -31.26 14.20
C ALA A 156 -13.85 -32.15 14.54
N VAL A 157 -15.04 -31.72 14.13
CA VAL A 157 -16.21 -32.62 14.12
C VAL A 157 -16.26 -33.34 12.77
N PRO A 158 -16.94 -34.51 12.68
CA PRO A 158 -16.91 -35.32 11.45
C PRO A 158 -17.27 -34.59 10.15
N ALA A 159 -18.21 -33.65 10.19
CA ALA A 159 -18.63 -32.92 8.98
C ALA A 159 -17.53 -31.97 8.48
N ALA A 160 -16.62 -31.54 9.36
CA ALA A 160 -15.79 -30.35 9.07
C ALA A 160 -14.81 -30.61 7.94
N PRO A 161 -14.05 -31.73 7.91
CA PRO A 161 -13.11 -31.90 6.79
C PRO A 161 -13.83 -31.93 5.44
N GLN A 162 -15.02 -32.54 5.38
CA GLN A 162 -15.84 -32.61 4.15
C GLN A 162 -16.28 -31.19 3.76
N MET A 163 -16.78 -30.41 4.70
CA MET A 163 -17.28 -29.04 4.40
CA MET A 163 -17.28 -29.03 4.41
C MET A 163 -16.12 -28.15 3.93
N PHE A 164 -14.96 -28.23 4.58
CA PHE A 164 -13.81 -27.37 4.20
C PHE A 164 -13.15 -27.86 2.92
N GLY A 165 -13.07 -29.16 2.68
CA GLY A 165 -12.60 -29.69 1.40
C GLY A 165 -13.53 -29.24 0.29
N ASN A 166 -14.85 -29.28 0.51
CA ASN A 166 -15.82 -28.84 -0.52
C ASN A 166 -15.62 -27.35 -0.83
N ALA A 167 -15.45 -26.53 0.19
CA ALA A 167 -15.23 -25.08 0.01
C ALA A 167 -13.94 -24.84 -0.77
N GLY A 168 -12.85 -25.54 -0.42
CA GLY A 168 -11.58 -25.44 -1.16
C GLY A 168 -11.76 -25.80 -2.62
N ARG A 169 -12.44 -26.90 -2.88
CA ARG A 169 -12.66 -27.41 -4.26
C ARG A 169 -13.51 -26.39 -5.02
N GLU A 170 -14.52 -25.81 -4.38
CA GLU A 170 -15.34 -24.75 -5.01
C GLU A 170 -14.45 -23.58 -5.44
N HIS A 171 -13.51 -23.19 -4.60
CA HIS A 171 -12.61 -22.04 -4.91
C HIS A 171 -11.72 -22.41 -6.10
N MET A 172 -11.22 -23.64 -6.15
CA MET A 172 -10.37 -24.09 -7.27
C MET A 172 -11.18 -24.05 -8.57
N GLU A 173 -12.43 -24.49 -8.53
CA GLU A 173 -13.20 -24.65 -9.79
C GLU A 173 -13.59 -23.25 -10.28
N LYS A 174 -13.89 -22.32 -9.38
CA LYS A 174 -14.34 -20.96 -9.77
C LYS A 174 -13.16 -20.07 -10.18
N TYR A 175 -12.01 -20.15 -9.50
CA TYR A 175 -10.95 -19.12 -9.58
C TYR A 175 -9.62 -19.67 -10.09
N GLY A 176 -9.43 -20.99 -10.17
CA GLY A 176 -8.19 -21.57 -10.72
C GLY A 176 -7.10 -21.72 -9.67
N THR A 177 -7.44 -21.50 -8.38
CA THR A 177 -6.55 -21.85 -7.26
C THR A 177 -6.07 -23.29 -7.44
N LYS A 178 -4.80 -23.55 -7.09
CA LYS A 178 -4.20 -24.92 -7.19
C LYS A 178 -4.23 -25.61 -5.84
N PRO A 179 -4.31 -26.97 -5.79
CA PRO A 179 -4.16 -27.70 -4.55
C PRO A 179 -2.89 -27.27 -3.81
N GLU A 180 -1.80 -26.98 -4.52
CA GLU A 180 -0.52 -26.58 -3.91
C GLU A 180 -0.66 -25.25 -3.13
N HIS A 181 -1.60 -24.36 -3.49
CA HIS A 181 -1.79 -23.10 -2.74
C HIS A 181 -2.25 -23.43 -1.31
N PHE A 182 -3.11 -24.44 -1.15
CA PHE A 182 -3.61 -24.84 0.19
C PHE A 182 -2.43 -25.42 0.97
N ALA A 183 -1.61 -26.25 0.32
CA ALA A 183 -0.41 -26.85 0.96
C ALA A 183 0.56 -25.73 1.34
N LYS A 184 0.70 -24.68 0.52
CA LYS A 184 1.65 -23.58 0.82
C LYS A 184 1.18 -22.81 2.05
N VAL A 185 -0.13 -22.67 2.24
CA VAL A 185 -0.66 -22.00 3.46
C VAL A 185 -0.21 -22.79 4.69
N ALA A 186 -0.39 -24.10 4.66
CA ALA A 186 -0.07 -24.96 5.82
C ALA A 186 1.44 -24.92 6.04
N TRP A 187 2.22 -25.03 4.96
CA TRP A 187 3.69 -24.93 5.01
C TRP A 187 4.12 -23.64 5.72
N LYS A 188 3.50 -22.51 5.36
CA LYS A 188 3.86 -21.20 5.95
C LYS A 188 3.57 -21.23 7.46
N ASN A 189 2.46 -21.83 7.85
CA ASN A 189 2.11 -21.90 9.30
C ASN A 189 3.14 -22.73 10.05
N HIS A 190 3.50 -23.91 9.54
CA HIS A 190 4.54 -24.72 10.22
C HIS A 190 5.86 -23.95 10.25
N LYS A 191 6.21 -23.21 9.21
CA LYS A 191 7.46 -22.44 9.21
C LYS A 191 7.43 -21.42 10.36
N HIS A 192 6.34 -20.69 10.52
CA HIS A 192 6.17 -19.69 11.60
C HIS A 192 6.31 -20.35 12.96
N SER A 193 5.81 -21.57 13.12
CA SER A 193 5.73 -22.28 14.41
C SER A 193 7.13 -22.50 14.98
N THR A 194 8.16 -22.51 14.12
CA THR A 194 9.54 -22.77 14.61
C THR A 194 9.95 -21.73 15.64
N ASN A 195 9.28 -20.57 15.69
CA ASN A 195 9.65 -19.51 16.64
C ASN A 195 8.61 -19.34 17.76
N ASN A 196 7.69 -20.29 17.93
CA ASN A 196 6.66 -20.18 18.99
C ASN A 196 6.81 -21.28 20.02
N PRO A 197 7.39 -20.99 21.20
CA PRO A 197 7.59 -22.02 22.22
C PRO A 197 6.32 -22.54 22.89
N TYR A 198 5.19 -21.89 22.60
CA TYR A 198 3.88 -22.31 23.13
C TYR A 198 3.19 -23.31 22.20
N SER A 199 3.72 -23.54 21.00
CA SER A 199 3.06 -24.36 19.97
C SER A 199 3.35 -25.84 20.18
N GLN A 200 2.38 -26.72 19.96
CA GLN A 200 2.59 -28.18 20.07
C GLN A 200 3.68 -28.59 19.07
N PHE A 201 3.55 -28.13 17.82
CA PHE A 201 4.53 -28.43 16.75
C PHE A 201 5.34 -27.18 16.47
N GLN A 202 6.66 -27.37 16.39
CA GLN A 202 7.62 -26.26 16.19
C GLN A 202 8.65 -26.62 15.11
N ASP A 203 8.26 -27.46 14.16
CA ASP A 203 9.19 -27.94 13.12
C ASP A 203 8.73 -27.49 11.75
N GLU A 204 9.69 -27.11 10.92
CA GLU A 204 9.44 -26.77 9.52
C GLU A 204 9.39 -28.08 8.73
N TYR A 205 8.29 -28.30 8.04
CA TYR A 205 8.15 -29.39 7.05
C TYR A 205 8.40 -28.80 5.66
N SER A 206 8.91 -29.59 4.73
CA SER A 206 8.99 -29.16 3.32
C SER A 206 7.59 -29.11 2.72
N LEU A 207 7.43 -28.36 1.65
CA LEU A 207 6.13 -28.32 0.94
C LEU A 207 5.76 -29.73 0.49
N GLU A 208 6.72 -30.50 -0.04
CA GLU A 208 6.47 -31.90 -0.47
C GLU A 208 5.99 -32.72 0.72
N GLN A 209 6.54 -32.53 1.92
CA GLN A 209 6.07 -33.30 3.08
C GLN A 209 4.62 -32.93 3.44
N VAL A 210 4.25 -31.67 3.31
CA VAL A 210 2.83 -31.29 3.58
C VAL A 210 1.93 -32.02 2.58
N ILE A 211 2.28 -31.99 1.30
CA ILE A 211 1.46 -32.62 0.23
C ILE A 211 1.41 -34.15 0.42
N ASP A 212 2.50 -34.75 0.87
CA ASP A 212 2.64 -36.22 0.97
C ASP A 212 2.16 -36.76 2.31
N SER A 213 1.73 -35.91 3.26
CA SER A 213 1.24 -36.39 4.57
C SER A 213 -0.10 -37.10 4.39
N ARG A 214 -0.54 -37.82 5.41
CA ARG A 214 -1.67 -38.77 5.30
C ARG A 214 -2.91 -38.01 4.80
N LYS A 215 -3.60 -38.59 3.83
CA LYS A 215 -4.85 -38.00 3.29
C LYS A 215 -5.91 -37.92 4.39
N VAL A 216 -6.54 -36.75 4.51
CA VAL A 216 -7.71 -36.56 5.41
C VAL A 216 -8.97 -36.55 4.56
N PHE A 217 -9.05 -35.63 3.62
CA PHE A 217 -10.21 -35.54 2.69
C PHE A 217 -9.75 -34.81 1.45
N GLU A 218 -9.83 -35.48 0.31
CA GLU A 218 -9.51 -34.82 -0.97
C GLU A 218 -8.07 -34.28 -0.88
N PHE A 219 -7.88 -33.02 -1.20
CA PHE A 219 -6.55 -32.35 -1.21
C PHE A 219 -6.06 -32.12 0.24
N LEU A 220 -6.95 -32.13 1.23
CA LEU A 220 -6.54 -31.89 2.63
C LEU A 220 -5.77 -33.11 3.16
N THR A 221 -4.55 -32.87 3.60
CA THR A 221 -3.67 -33.88 4.26
C THR A 221 -3.48 -33.50 5.72
N LEU A 222 -2.94 -34.42 6.50
CA LEU A 222 -2.85 -34.27 7.96
C LEU A 222 -2.12 -32.96 8.35
N LEU A 223 -1.08 -32.58 7.64
CA LEU A 223 -0.31 -31.37 8.01
C LEU A 223 -1.04 -30.09 7.58
N GLN A 224 -2.22 -30.18 6.95
CA GLN A 224 -3.09 -29.01 6.63
C GLN A 224 -4.27 -28.92 7.59
N CYS A 225 -4.34 -29.78 8.60
CA CYS A 225 -5.50 -29.87 9.51
C CYS A 225 -5.05 -29.64 10.94
N CYS A 226 -5.85 -28.95 11.72
CA CYS A 226 -5.40 -28.65 13.10
C CYS A 226 -5.53 -29.87 13.99
N PRO A 227 -4.46 -30.18 14.76
CA PRO A 227 -4.52 -31.28 15.72
C PRO A 227 -5.21 -30.83 17.02
N THR A 228 -5.65 -31.79 17.81
CA THR A 228 -6.01 -31.50 19.23
C THR A 228 -4.76 -31.14 20.02
N SER A 229 -4.92 -30.16 20.89
CA SER A 229 -3.97 -29.81 21.96
C SER A 229 -4.77 -29.69 23.24
N ASP A 230 -4.10 -29.99 24.33
CA ASP A 230 -4.61 -29.65 25.67
C ASP A 230 -3.85 -28.41 26.14
N GLY A 231 -4.52 -27.50 26.80
CA GLY A 231 -3.87 -26.27 27.26
C GLY A 231 -4.88 -25.26 27.75
N ALA A 232 -4.37 -24.12 28.16
CA ALA A 232 -5.23 -23.04 28.69
C ALA A 232 -4.66 -21.69 28.24
N GLY A 233 -5.53 -20.70 28.22
CA GLY A 233 -5.15 -19.31 28.00
C GLY A 233 -5.98 -18.40 28.83
N ALA A 234 -5.49 -17.19 29.02
CA ALA A 234 -6.19 -16.23 29.90
C ALA A 234 -5.85 -14.80 29.53
N ALA A 235 -6.76 -13.90 29.82
CA ALA A 235 -6.55 -12.45 29.61
C ALA A 235 -7.30 -11.69 30.69
N VAL A 236 -6.68 -10.64 31.18
CA VAL A 236 -7.32 -9.68 32.11
C VAL A 236 -7.81 -8.51 31.29
N LEU A 237 -9.10 -8.22 31.35
CA LEU A 237 -9.70 -7.07 30.63
C LEU A 237 -10.11 -5.99 31.64
N ALA A 238 -10.02 -4.75 31.22
CA ALA A 238 -10.28 -3.62 32.12
C ALA A 238 -10.88 -2.42 31.39
N SER A 239 -11.61 -1.60 32.14
CA SER A 239 -12.15 -0.33 31.64
C SER A 239 -11.04 0.72 31.58
N GLU A 240 -11.31 1.80 30.87
CA GLU A 240 -10.44 3.00 30.81
C GLU A 240 -10.21 3.52 32.23
N SER A 241 -11.26 3.66 33.05
CA SER A 241 -11.09 4.19 34.42
C SER A 241 -10.19 3.26 35.24
N PHE A 242 -10.34 1.94 35.10
CA PHE A 242 -9.49 0.97 35.84
C PHE A 242 -8.04 1.15 35.42
N VAL A 243 -7.78 1.27 34.12
CA VAL A 243 -6.38 1.44 33.61
C VAL A 243 -5.80 2.75 34.16
N ARG A 244 -6.55 3.84 34.10
CA ARG A 244 -6.09 5.19 34.55
C ARG A 244 -5.82 5.13 36.06
N ARG A 245 -6.78 4.66 36.85
CA ARG A 245 -6.70 4.65 38.34
C ARG A 245 -5.49 3.83 38.80
N ASN A 246 -5.12 2.77 38.07
CA ASN A 246 -4.06 1.83 38.49
C ASN A 246 -2.75 2.13 37.75
N GLY A 247 -2.71 3.10 36.85
CA GLY A 247 -1.47 3.45 36.11
C GLY A 247 -1.00 2.34 35.19
N LEU A 248 -1.92 1.67 34.49
CA LEU A 248 -1.59 0.45 33.69
C LEU A 248 -1.61 0.76 32.19
N GLU A 249 -1.35 2.00 31.79
CA GLU A 249 -1.38 2.40 30.35
C GLU A 249 -0.36 1.61 29.53
N LYS A 250 0.80 1.25 30.09
CA LYS A 250 1.95 0.73 29.31
C LYS A 250 1.58 -0.52 28.50
N LYS A 251 0.94 -1.51 29.13
CA LYS A 251 0.63 -2.82 28.50
C LYS A 251 -0.81 -2.86 27.99
N ALA A 252 -1.56 -1.76 28.10
CA ALA A 252 -3.00 -1.76 27.82
C ALA A 252 -3.22 -1.83 26.31
N VAL A 253 -3.71 -2.98 25.83
CA VAL A 253 -4.02 -3.16 24.38
C VAL A 253 -5.51 -2.94 24.18
N GLU A 254 -5.89 -1.93 23.42
CA GLU A 254 -7.31 -1.60 23.25
C GLU A 254 -7.96 -2.56 22.25
N ILE A 255 -9.14 -3.07 22.60
CA ILE A 255 -10.06 -3.68 21.61
C ILE A 255 -10.80 -2.54 20.91
N VAL A 256 -10.36 -2.17 19.72
CA VAL A 256 -10.93 -0.99 19.02
C VAL A 256 -12.17 -1.38 18.21
N ALA A 257 -12.40 -2.68 17.96
CA ALA A 257 -13.64 -3.16 17.31
C ALA A 257 -13.76 -4.66 17.60
N GLN A 258 -14.98 -5.15 17.75
CA GLN A 258 -15.20 -6.59 17.93
C GLN A 258 -16.62 -6.90 17.48
N GLU A 259 -16.76 -7.83 16.55
CA GLU A 259 -18.07 -8.17 15.96
C GLU A 259 -18.23 -9.67 15.90
N MET A 260 -19.41 -10.15 16.24
CA MET A 260 -19.77 -11.56 16.03
C MET A 260 -20.90 -11.59 15.01
N VAL A 261 -20.78 -12.47 14.03
CA VAL A 261 -21.87 -12.68 13.05
C VAL A 261 -22.27 -14.15 13.09
N THR A 262 -23.55 -14.40 13.29
CA THR A 262 -24.14 -15.76 13.29
C THR A 262 -24.59 -16.11 11.87
N ASP A 263 -24.98 -17.37 11.67
CA ASP A 263 -25.40 -17.95 10.37
C ASP A 263 -26.35 -16.99 9.66
N LEU A 264 -26.06 -16.71 8.40
CA LEU A 264 -26.86 -15.79 7.57
C LEU A 264 -27.83 -16.59 6.71
N SER A 265 -29.10 -16.63 7.09
CA SER A 265 -30.16 -17.40 6.40
CA SER A 265 -30.11 -17.45 6.38
C SER A 265 -30.24 -16.97 4.93
N THR A 266 -30.06 -17.90 4.01
CA THR A 266 -30.02 -17.58 2.57
C THR A 266 -30.89 -18.55 1.81
N THR A 267 -30.97 -18.34 0.50
CA THR A 267 -31.82 -19.17 -0.37
C THR A 267 -30.98 -20.28 -1.00
N PHE A 268 -31.67 -21.26 -1.53
CA PHE A 268 -31.05 -22.33 -2.33
C PHE A 268 -30.19 -21.71 -3.42
N GLU A 269 -30.73 -20.73 -4.16
CA GLU A 269 -30.05 -20.14 -5.33
C GLU A 269 -28.75 -19.45 -4.95
N GLU A 270 -28.66 -18.87 -3.75
CA GLU A 270 -27.47 -18.08 -3.39
C GLU A 270 -26.48 -18.92 -2.56
N ASN A 271 -26.87 -20.08 -2.07
CA ASN A 271 -25.97 -20.83 -1.16
C ASN A 271 -24.76 -21.37 -1.93
N SER A 272 -23.68 -21.62 -1.22
CA SER A 272 -22.44 -22.14 -1.79
C SER A 272 -21.66 -22.88 -0.71
N CYS A 273 -20.70 -23.70 -1.13
CA CYS A 273 -19.87 -24.42 -0.13
C CYS A 273 -19.05 -23.43 0.70
N MET A 274 -18.58 -22.34 0.12
CA MET A 274 -17.82 -21.31 0.87
C MET A 274 -18.74 -20.60 1.88
N LYS A 275 -19.97 -20.27 1.51
CA LYS A 275 -20.93 -19.65 2.46
C LYS A 275 -21.25 -20.65 3.60
N MET A 276 -21.32 -21.95 3.32
CA MET A 276 -21.70 -22.96 4.33
C MET A 276 -20.62 -23.11 5.39
N VAL A 277 -19.37 -22.70 5.11
CA VAL A 277 -18.28 -22.69 6.14
C VAL A 277 -18.02 -21.28 6.66
N GLY A 278 -18.94 -20.35 6.43
CA GLY A 278 -18.94 -19.05 7.15
C GLY A 278 -18.28 -17.92 6.40
N TYR A 279 -18.00 -18.03 5.11
CA TYR A 279 -17.28 -16.98 4.33
C TYR A 279 -17.96 -15.63 4.57
N ASP A 280 -19.28 -15.56 4.38
CA ASP A 280 -19.96 -14.24 4.46
C ASP A 280 -20.09 -13.80 5.92
N MET A 281 -20.09 -14.70 6.89
CA MET A 281 -20.07 -14.29 8.31
C MET A 281 -18.73 -13.58 8.61
N THR A 282 -17.61 -14.16 8.17
CA THR A 282 -16.31 -13.49 8.30
C THR A 282 -16.34 -12.16 7.58
N ARG A 283 -16.85 -12.14 6.36
CA ARG A 283 -16.80 -10.92 5.52
C ARG A 283 -17.55 -9.79 6.24
N LEU A 284 -18.75 -10.06 6.72
CA LEU A 284 -19.56 -9.00 7.39
C LEU A 284 -18.93 -8.64 8.73
N ALA A 285 -18.44 -9.60 9.54
CA ALA A 285 -17.81 -9.25 10.83
C ALA A 285 -16.64 -8.30 10.60
N ALA A 286 -15.78 -8.59 9.63
CA ALA A 286 -14.60 -7.77 9.32
C ALA A 286 -15.05 -6.40 8.79
N GLU A 287 -15.99 -6.35 7.85
CA GLU A 287 -16.47 -5.05 7.29
C GLU A 287 -16.93 -4.17 8.45
N ARG A 288 -17.68 -4.73 9.39
CA ARG A 288 -18.25 -3.93 10.52
C ARG A 288 -17.09 -3.46 11.39
N CYS A 289 -16.09 -4.30 11.65
CA CYS A 289 -14.92 -3.88 12.45
C CYS A 289 -14.19 -2.73 11.74
N TYR A 290 -13.87 -2.88 10.47
CA TYR A 290 -13.14 -1.85 9.68
C TYR A 290 -13.91 -0.53 9.80
N ASP A 291 -15.23 -0.56 9.67
CA ASP A 291 -16.07 0.66 9.69
CA ASP A 291 -16.06 0.68 9.68
C ASP A 291 -15.98 1.30 11.08
N THR A 292 -16.14 0.51 12.13
CA THR A 292 -16.09 0.97 13.54
C THR A 292 -14.74 1.61 13.82
N ALA A 293 -13.64 0.99 13.40
CA ALA A 293 -12.28 1.41 13.79
C ALA A 293 -11.76 2.50 12.83
N GLY A 294 -12.44 2.71 11.70
CA GLY A 294 -12.03 3.63 10.63
C GLY A 294 -10.72 3.20 9.99
N VAL A 295 -10.58 1.91 9.69
CA VAL A 295 -9.34 1.38 9.06
C VAL A 295 -9.75 0.54 7.86
N LYS A 296 -8.73 0.11 7.11
CA LYS A 296 -8.85 -0.75 5.91
C LYS A 296 -8.01 -1.98 6.15
N PRO A 297 -8.25 -3.08 5.40
CA PRO A 297 -7.38 -4.25 5.48
C PRO A 297 -5.88 -3.95 5.29
N SER A 298 -5.54 -3.02 4.40
CA SER A 298 -4.13 -2.64 4.15
C SER A 298 -3.49 -1.99 5.38
N ASP A 299 -4.28 -1.52 6.35
CA ASP A 299 -3.74 -0.93 7.59
C ASP A 299 -3.32 -2.02 8.58
N VAL A 300 -3.87 -3.22 8.44
CA VAL A 300 -3.60 -4.32 9.40
C VAL A 300 -2.17 -4.82 9.18
N ASP A 301 -1.39 -5.00 10.25
CA ASP A 301 0.04 -5.36 10.17
C ASP A 301 0.21 -6.84 10.44
N VAL A 302 -0.64 -7.39 11.30
CA VAL A 302 -0.41 -8.76 11.82
C VAL A 302 -1.79 -9.37 12.09
N ILE A 303 -1.93 -10.66 11.79
CA ILE A 303 -3.23 -11.36 11.86
C ILE A 303 -3.03 -12.69 12.59
N GLU A 304 -3.96 -13.06 13.46
CA GLU A 304 -4.13 -14.46 13.92
C GLU A 304 -5.52 -14.88 13.48
N LEU A 305 -5.62 -15.91 12.66
CA LEU A 305 -6.95 -16.32 12.13
C LEU A 305 -7.16 -17.81 12.41
N HIS A 306 -8.37 -18.28 12.11
CA HIS A 306 -8.82 -19.62 12.53
C HIS A 306 -8.51 -20.61 11.42
N ASP A 307 -7.27 -21.04 11.33
CA ASP A 307 -6.81 -22.00 10.28
C ASP A 307 -7.07 -23.43 10.80
N CYS A 308 -8.34 -23.78 11.03
CA CYS A 308 -8.73 -25.15 11.43
C CYS A 308 -8.31 -26.12 10.32
N PHE A 309 -8.41 -25.65 9.08
CA PHE A 309 -7.90 -26.30 7.86
C PHE A 309 -7.24 -25.22 7.04
N SER A 310 -6.26 -25.61 6.24
CA SER A 310 -5.59 -24.69 5.30
C SER A 310 -6.67 -24.00 4.44
N ALA A 311 -7.70 -24.72 4.05
CA ALA A 311 -8.78 -24.19 3.18
C ALA A 311 -9.48 -23.00 3.84
N ASN A 312 -9.67 -23.03 5.16
CA ASN A 312 -10.32 -21.90 5.86
C ASN A 312 -9.41 -20.69 5.78
N GLU A 313 -8.11 -20.83 6.04
CA GLU A 313 -7.22 -19.67 5.95
C GLU A 313 -7.26 -19.08 4.53
N LEU A 314 -7.14 -19.91 3.50
CA LEU A 314 -7.01 -19.39 2.11
C LEU A 314 -8.25 -18.58 1.75
N ILE A 315 -9.45 -19.10 2.02
CA ILE A 315 -10.67 -18.32 1.64
C ILE A 315 -10.83 -17.11 2.57
N THR A 316 -10.37 -17.21 3.81
CA THR A 316 -10.49 -16.08 4.79
C THR A 316 -9.64 -14.90 4.30
N TYR A 317 -8.55 -15.12 3.55
CA TYR A 317 -7.80 -13.96 2.97
C TYR A 317 -8.78 -13.09 2.18
N GLU A 318 -9.65 -13.71 1.40
CA GLU A 318 -10.58 -12.97 0.52
C GLU A 318 -11.76 -12.42 1.35
N ALA A 319 -12.26 -13.19 2.32
CA ALA A 319 -13.37 -12.73 3.18
C ALA A 319 -12.96 -11.48 3.94
N LEU A 320 -11.72 -11.45 4.43
CA LEU A 320 -11.19 -10.30 5.19
C LEU A 320 -10.87 -9.11 4.26
N GLY A 321 -10.90 -9.32 2.95
CA GLY A 321 -10.63 -8.21 2.00
C GLY A 321 -9.16 -7.91 1.86
N LEU A 322 -8.27 -8.86 2.16
CA LEU A 322 -6.81 -8.69 1.95
C LEU A 322 -6.54 -8.60 0.45
N CYS A 323 -7.24 -9.39 -0.36
CA CYS A 323 -7.12 -9.37 -1.83
C CYS A 323 -8.49 -9.57 -2.46
N PRO A 324 -8.67 -9.23 -3.75
CA PRO A 324 -9.92 -9.51 -4.44
C PRO A 324 -10.29 -10.99 -4.52
N GLU A 325 -11.58 -11.22 -4.77
CA GLU A 325 -12.20 -12.54 -5.05
C GLU A 325 -11.29 -13.29 -6.03
N GLY A 326 -10.88 -14.49 -5.66
CA GLY A 326 -10.11 -15.38 -6.53
C GLY A 326 -8.62 -15.11 -6.54
N LYS A 327 -8.13 -14.12 -5.80
CA LYS A 327 -6.70 -13.70 -5.88
C LYS A 327 -5.84 -14.25 -4.71
N ALA A 328 -6.36 -15.13 -3.86
CA ALA A 328 -5.57 -15.64 -2.71
C ALA A 328 -4.31 -16.37 -3.21
N GLY A 329 -4.40 -17.09 -4.33
CA GLY A 329 -3.25 -17.85 -4.84
C GLY A 329 -2.11 -16.89 -5.17
N GLU A 330 -2.44 -15.70 -5.68
CA GLU A 330 -1.43 -14.67 -6.02
C GLU A 330 -0.82 -14.09 -4.74
N LEU A 331 -1.64 -13.83 -3.71
CA LEU A 331 -1.17 -13.36 -2.38
C LEU A 331 -0.17 -14.41 -1.84
N ILE A 332 -0.54 -15.70 -1.88
CA ILE A 332 0.30 -16.80 -1.38
C ILE A 332 1.61 -16.84 -2.17
N ASP A 333 1.53 -16.76 -3.50
CA ASP A 333 2.73 -16.94 -4.34
C ASP A 333 3.67 -15.73 -4.21
N ARG A 334 3.17 -14.57 -3.83
CA ARG A 334 3.97 -13.34 -3.58
C ARG A 334 4.62 -13.41 -2.18
N GLY A 335 4.20 -14.34 -1.31
CA GLY A 335 4.61 -14.38 0.10
C GLY A 335 4.02 -13.23 0.90
N ASP A 336 2.84 -12.74 0.53
CA ASP A 336 2.21 -11.56 1.19
C ASP A 336 1.44 -11.99 2.46
N ASN A 337 1.67 -13.21 2.94
CA ASN A 337 1.09 -13.75 4.20
C ASN A 337 2.20 -14.03 5.20
N THR A 338 3.47 -13.64 4.93
CA THR A 338 4.58 -13.91 5.86
C THR A 338 5.56 -12.74 5.92
N TYR A 339 6.61 -12.93 6.70
CA TYR A 339 7.62 -11.88 6.97
C TYR A 339 8.18 -11.42 5.64
N GLY A 340 8.32 -10.11 5.52
CA GLY A 340 8.79 -9.44 4.29
C GLY A 340 7.69 -9.18 3.29
N GLY A 341 6.49 -9.70 3.53
CA GLY A 341 5.31 -9.43 2.71
C GLY A 341 4.35 -8.45 3.35
N LYS A 342 3.19 -8.26 2.73
CA LYS A 342 2.24 -7.21 3.16
C LYS A 342 1.70 -7.54 4.56
N TRP A 343 1.24 -8.77 4.80
CA TRP A 343 0.67 -9.18 6.12
C TRP A 343 1.46 -10.32 6.70
N VAL A 344 1.77 -10.27 7.99
CA VAL A 344 2.29 -11.47 8.68
C VAL A 344 1.08 -12.18 9.30
N ILE A 345 0.78 -13.36 8.78
CA ILE A 345 -0.46 -14.09 9.14
C ILE A 345 -0.05 -15.30 9.96
N ASN A 346 -0.61 -15.41 11.16
CA ASN A 346 -0.34 -16.48 12.13
C ASN A 346 1.16 -16.55 12.44
N PRO A 347 1.75 -15.48 13.00
CA PRO A 347 3.12 -15.59 13.50
C PRO A 347 3.25 -16.71 14.55
N SER A 348 2.15 -17.08 15.22
CA SER A 348 2.13 -18.18 16.23
C SER A 348 2.40 -19.56 15.60
N GLY A 349 2.17 -19.70 14.30
CA GLY A 349 2.12 -21.01 13.62
C GLY A 349 0.70 -21.50 13.35
N GLY A 350 -0.28 -20.74 13.82
CA GLY A 350 -1.71 -21.02 13.59
C GLY A 350 -2.20 -22.25 14.35
N LEU A 351 -3.50 -22.53 14.26
CA LEU A 351 -4.08 -23.76 14.82
C LEU A 351 -3.39 -25.00 14.23
N ILE A 352 -2.94 -24.92 12.98
CA ILE A 352 -2.29 -26.04 12.25
C ILE A 352 -1.07 -26.51 13.04
N SER A 353 -0.35 -25.60 13.71
CA SER A 353 0.89 -25.95 14.44
C SER A 353 0.61 -26.01 15.93
N LYS A 354 -0.14 -25.04 16.46
CA LYS A 354 -0.36 -24.95 17.92
C LYS A 354 -1.24 -26.11 18.38
N GLY A 355 -2.10 -26.60 17.51
CA GLY A 355 -3.28 -27.39 17.89
C GLY A 355 -4.38 -26.50 18.47
N HIS A 356 -5.52 -27.10 18.79
CA HIS A 356 -6.80 -26.37 19.00
C HIS A 356 -7.47 -26.93 20.24
N PRO A 357 -7.12 -26.46 21.46
CA PRO A 357 -7.89 -26.77 22.66
C PRO A 357 -9.11 -25.85 22.61
N LEU A 358 -10.29 -26.43 22.37
CA LEU A 358 -11.47 -25.66 21.91
C LEU A 358 -11.69 -24.39 22.72
N GLY A 359 -11.71 -24.45 24.03
CA GLY A 359 -12.02 -23.25 24.85
C GLY A 359 -10.93 -22.20 24.91
N ALA A 360 -9.69 -22.53 24.53
CA ALA A 360 -8.48 -21.71 24.80
C ALA A 360 -7.97 -21.01 23.55
N THR A 361 -8.41 -21.39 22.35
CA THR A 361 -7.79 -20.93 21.09
C THR A 361 -7.84 -19.41 20.97
N GLY A 362 -9.00 -18.78 21.21
CA GLY A 362 -9.10 -17.33 21.07
C GLY A 362 -8.17 -16.60 22.02
N LEU A 363 -8.02 -17.12 23.23
CA LEU A 363 -7.15 -16.43 24.20
C LEU A 363 -5.68 -16.59 23.81
N ALA A 364 -5.27 -17.70 23.19
CA ALA A 364 -3.89 -17.83 22.67
C ALA A 364 -3.69 -16.84 21.52
N GLN A 365 -4.65 -16.69 20.63
CA GLN A 365 -4.56 -15.70 19.53
C GLN A 365 -4.38 -14.31 20.13
N CYS A 366 -5.21 -13.96 21.13
CA CYS A 366 -5.15 -12.65 21.82
C CYS A 366 -3.76 -12.46 22.44
N ALA A 367 -3.22 -13.46 23.10
CA ALA A 367 -1.91 -13.35 23.77
C ALA A 367 -0.87 -12.98 22.72
N GLU A 368 -0.85 -13.68 21.60
CA GLU A 368 0.18 -13.42 20.57
C GLU A 368 -0.01 -12.02 20.01
N LEU A 369 -1.24 -11.58 19.73
CA LEU A 369 -1.42 -10.25 19.11
C LEU A 369 -1.06 -9.15 20.12
N CYS A 370 -1.37 -9.35 21.39
CA CYS A 370 -0.96 -8.37 22.44
C CYS A 370 0.56 -8.31 22.52
N TRP A 371 1.25 -9.45 22.52
CA TRP A 371 2.73 -9.46 22.54
C TRP A 371 3.24 -8.74 21.30
N GLN A 372 2.67 -8.99 20.12
CA GLN A 372 3.10 -8.31 18.87
C GLN A 372 2.96 -6.81 19.04
N LEU A 373 1.83 -6.29 19.54
CA LEU A 373 1.64 -4.82 19.59
C LEU A 373 2.50 -4.22 20.70
N ARG A 374 2.79 -4.98 21.74
CA ARG A 374 3.65 -4.52 22.87
C ARG A 374 5.13 -4.63 22.48
N ALA A 375 5.48 -5.18 21.31
CA ALA A 375 6.88 -5.38 20.85
C ALA A 375 7.59 -6.37 21.78
N GLU A 376 6.86 -7.37 22.29
CA GLU A 376 7.37 -8.43 23.19
C GLU A 376 7.29 -9.82 22.55
N ALA A 377 7.10 -9.93 21.23
CA ALA A 377 6.94 -11.24 20.56
C ALA A 377 8.29 -11.84 20.15
N GLY A 378 9.40 -11.25 20.60
CA GLY A 378 10.73 -11.89 20.51
C GLY A 378 11.05 -12.33 19.09
N PRO A 379 11.35 -13.64 18.88
CA PRO A 379 11.78 -14.12 17.56
C PRO A 379 10.66 -14.11 16.51
N ARG A 380 9.42 -13.81 16.89
CA ARG A 380 8.29 -13.73 15.96
C ARG A 380 7.91 -12.28 15.67
N GLN A 381 8.60 -11.32 16.27
CA GLN A 381 8.15 -9.90 16.24
C GLN A 381 7.96 -9.42 14.80
N VAL A 382 6.79 -8.86 14.53
CA VAL A 382 6.47 -8.12 13.29
C VAL A 382 6.95 -6.70 13.55
N PRO A 383 8.05 -6.26 12.90
CA PRO A 383 8.59 -4.92 13.19
C PRO A 383 7.56 -3.82 12.91
N GLY A 384 7.34 -2.92 13.87
CA GLY A 384 6.48 -1.74 13.72
C GLY A 384 4.99 -2.05 13.78
N ALA A 385 4.61 -3.26 14.18
CA ALA A 385 3.17 -3.62 14.18
C ALA A 385 2.40 -2.66 15.08
N LYS A 386 1.31 -2.12 14.55
CA LYS A 386 0.43 -1.15 15.26
C LYS A 386 -1.03 -1.58 15.23
N LEU A 387 -1.48 -2.31 14.22
CA LEU A 387 -2.90 -2.76 14.13
C LEU A 387 -2.92 -4.27 13.93
N ALA A 388 -3.65 -4.97 14.79
CA ALA A 388 -3.73 -6.46 14.77
C ALA A 388 -5.18 -6.84 14.53
N LEU A 389 -5.38 -7.90 13.75
CA LEU A 389 -6.71 -8.48 13.50
C LEU A 389 -6.70 -9.93 13.99
N GLN A 390 -7.76 -10.27 14.71
CA GLN A 390 -8.05 -11.65 15.17
C GLN A 390 -9.31 -12.13 14.47
N HIS A 391 -9.27 -13.37 13.98
CA HIS A 391 -10.42 -14.09 13.40
C HIS A 391 -10.55 -15.43 14.11
N ASN A 392 -11.75 -15.68 14.62
CA ASN A 392 -11.99 -16.87 15.45
C ASN A 392 -13.44 -17.30 15.32
N ILE A 393 -13.74 -18.51 15.79
CA ILE A 393 -15.09 -19.10 15.71
C ILE A 393 -15.54 -19.35 17.15
N GLY A 394 -16.76 -18.94 17.45
CA GLY A 394 -17.38 -19.09 18.77
C GLY A 394 -17.69 -20.53 19.04
N LEU A 395 -17.92 -20.85 20.31
CA LEU A 395 -18.24 -22.25 20.70
C LEU A 395 -19.55 -22.67 20.04
N GLY A 396 -20.45 -21.73 19.73
CA GLY A 396 -21.69 -21.98 18.99
C GLY A 396 -21.56 -21.84 17.46
N GLY A 397 -20.37 -21.60 16.89
CA GLY A 397 -20.16 -21.66 15.42
C GLY A 397 -20.15 -20.27 14.72
N ALA A 398 -20.46 -19.20 15.43
CA ALA A 398 -20.46 -17.82 14.90
C ALA A 398 -19.03 -17.38 14.66
N VAL A 399 -18.83 -16.45 13.74
CA VAL A 399 -17.49 -15.89 13.48
C VAL A 399 -17.33 -14.61 14.30
N VAL A 400 -16.17 -14.48 14.93
CA VAL A 400 -15.81 -13.27 15.70
C VAL A 400 -14.55 -12.67 15.09
N VAL A 401 -14.62 -11.39 14.73
CA VAL A 401 -13.43 -10.65 14.28
C VAL A 401 -13.18 -9.54 15.29
N THR A 402 -11.91 -9.34 15.64
CA THR A 402 -11.47 -8.36 16.65
C THR A 402 -10.34 -7.53 16.06
N LEU A 403 -10.34 -6.22 16.30
CA LEU A 403 -9.17 -5.37 16.00
C LEU A 403 -8.58 -4.81 17.28
N TYR A 404 -7.25 -4.79 17.35
CA TYR A 404 -6.48 -4.33 18.51
C TYR A 404 -5.48 -3.25 18.07
N LYS A 405 -5.29 -2.27 18.94
CA LYS A 405 -4.21 -1.26 18.85
C LYS A 405 -3.76 -0.96 20.29
N MET A 406 -2.52 -0.49 20.47
CA MET A 406 -2.13 -0.02 21.82
C MET A 406 -3.09 1.09 22.25
N GLY A 407 -3.51 1.08 23.52
CA GLY A 407 -4.51 2.00 24.07
C GLY A 407 -3.97 3.42 24.23
N PHE A 408 -2.68 3.54 24.55
CA PHE A 408 -2.01 4.78 25.03
C PHE A 408 -0.62 4.82 24.42
N PRO A 409 -0.51 5.00 23.08
CA PRO A 409 0.79 4.84 22.40
C PRO A 409 1.82 5.94 22.70
N ASN B 14 0.56 16.69 6.81
CA ASN B 14 -0.13 17.94 6.39
C ASN B 14 -0.43 17.90 4.88
N ARG B 15 -1.63 18.29 4.48
CA ARG B 15 -2.03 18.37 3.06
C ARG B 15 -1.26 19.53 2.41
N VAL B 16 -1.01 19.41 1.13
CA VAL B 16 -0.22 20.41 0.36
C VAL B 16 -1.03 20.83 -0.85
N PHE B 17 -1.08 22.12 -1.11
CA PHE B 17 -1.85 22.69 -2.25
C PHE B 17 -0.97 23.62 -3.08
N VAL B 18 -1.11 23.52 -4.40
CA VAL B 18 -0.60 24.54 -5.34
C VAL B 18 -1.69 25.61 -5.45
N ILE B 19 -1.42 26.82 -5.00
CA ILE B 19 -2.45 27.92 -4.95
C ILE B 19 -2.20 28.93 -6.05
N GLY B 20 -1.05 28.89 -6.73
CA GLY B 20 -0.80 29.80 -7.85
C GLY B 20 0.26 29.24 -8.75
N VAL B 21 0.11 29.46 -10.04
CA VAL B 21 1.11 29.03 -11.05
C VAL B 21 1.35 30.16 -12.05
N GLY B 22 2.49 30.10 -12.68
CA GLY B 22 2.83 31.07 -13.71
C GLY B 22 3.96 30.59 -14.58
N MET B 23 3.99 31.02 -15.82
CA MET B 23 5.11 30.69 -16.69
C MET B 23 5.27 31.75 -17.76
N THR B 24 6.46 31.84 -18.31
CA THR B 24 6.72 32.60 -19.55
C THR B 24 6.31 31.77 -20.74
N LYS B 25 6.12 32.41 -21.88
CA LYS B 25 6.18 31.67 -23.15
CA LYS B 25 6.18 31.65 -23.14
C LYS B 25 7.55 30.96 -23.22
N PHE B 26 7.58 29.78 -23.81
CA PHE B 26 8.85 29.06 -24.06
C PHE B 26 9.25 29.40 -25.48
N GLU B 27 10.40 30.03 -25.67
CA GLU B 27 10.82 30.55 -26.98
C GLU B 27 12.18 30.02 -27.40
N LYS B 28 12.43 30.05 -28.71
CA LYS B 28 13.78 29.72 -29.23
C LYS B 28 14.81 30.61 -28.54
N PRO B 29 15.98 30.06 -28.14
CA PRO B 29 17.03 30.90 -27.56
C PRO B 29 17.36 32.10 -28.46
N GLY B 30 17.42 33.30 -27.88
CA GLY B 30 17.70 34.54 -28.62
C GLY B 30 16.48 35.16 -29.29
N ALA B 31 15.32 34.49 -29.35
CA ALA B 31 14.10 35.08 -29.96
C ALA B 31 13.61 36.27 -29.13
N ARG B 32 13.68 36.17 -27.80
CA ARG B 32 13.29 37.23 -26.87
C ARG B 32 14.56 37.80 -26.26
N ASP B 33 14.66 39.12 -26.26
CA ASP B 33 15.86 39.83 -25.75
C ASP B 33 15.72 40.01 -24.24
N ILE B 34 15.93 38.94 -23.48
CA ILE B 34 15.63 38.89 -22.01
C ILE B 34 16.67 37.99 -21.37
N ASP B 35 17.12 38.28 -20.16
CA ASP B 35 18.04 37.37 -19.43
C ASP B 35 17.25 36.68 -18.32
N TYR B 36 17.89 35.74 -17.62
CA TYR B 36 17.15 34.87 -16.69
C TYR B 36 16.51 35.66 -15.55
N PRO B 37 17.08 36.75 -14.98
CA PRO B 37 16.34 37.46 -13.92
C PRO B 37 14.97 37.96 -14.39
N ASP B 38 14.89 38.52 -15.60
CA ASP B 38 13.61 39.05 -16.10
C ASP B 38 12.65 37.90 -16.46
N MET B 39 13.15 36.74 -16.89
CA MET B 39 12.29 35.55 -17.13
C MET B 39 11.68 35.10 -15.79
N ALA B 40 12.53 34.98 -14.77
CA ALA B 40 12.09 34.62 -13.41
C ALA B 40 11.06 35.63 -12.90
N LYS B 41 11.28 36.93 -13.11
CA LYS B 41 10.36 37.97 -12.66
C LYS B 41 8.98 37.70 -13.26
N GLU B 42 8.92 37.44 -14.55
CA GLU B 42 7.61 37.28 -15.21
C GLU B 42 6.90 36.04 -14.63
N ALA B 43 7.59 34.92 -14.55
CA ALA B 43 6.93 33.68 -14.07
C ALA B 43 6.54 33.86 -12.60
N GLY B 44 7.46 34.36 -11.79
CA GLY B 44 7.25 34.50 -10.36
C GLY B 44 6.13 35.45 -10.06
N GLN B 45 6.13 36.60 -10.72
CA GLN B 45 5.04 37.59 -10.48
C GLN B 45 3.69 37.00 -10.95
N ARG B 46 3.68 36.24 -12.04
CA ARG B 46 2.44 35.59 -12.49
C ARG B 46 1.95 34.59 -11.44
N ALA B 47 2.83 33.79 -10.85
CA ALA B 47 2.40 32.80 -9.85
C ALA B 47 1.86 33.49 -8.61
N LEU B 48 2.53 34.54 -8.14
CA LEU B 48 2.12 35.27 -6.92
C LEU B 48 0.75 35.91 -7.20
N ALA B 49 0.60 36.53 -8.35
CA ALA B 49 -0.67 37.20 -8.72
C ALA B 49 -1.81 36.18 -8.81
N ASP B 50 -1.56 35.03 -9.43
CA ASP B 50 -2.55 33.94 -9.56
C ASP B 50 -2.94 33.46 -8.16
N ALA B 51 -1.97 33.33 -7.25
CA ALA B 51 -2.24 32.93 -5.87
C ALA B 51 -3.00 34.02 -5.10
N GLY B 52 -2.85 35.29 -5.48
CA GLY B 52 -3.46 36.43 -4.75
C GLY B 52 -2.63 36.84 -3.55
N ILE B 53 -1.32 36.66 -3.60
CA ILE B 53 -0.41 36.98 -2.46
C ILE B 53 0.74 37.86 -2.94
N LYS B 54 1.43 38.45 -1.97
CA LYS B 54 2.67 39.21 -2.22
C LYS B 54 3.86 38.29 -1.92
N TYR B 55 5.01 38.63 -2.47
CA TYR B 55 6.28 37.92 -2.16
C TYR B 55 6.52 37.86 -0.65
N SER B 56 6.11 38.88 0.11
CA SER B 56 6.31 38.87 1.58
C SER B 56 5.66 37.66 2.26
N ALA B 57 4.68 37.00 1.65
CA ALA B 57 4.03 35.80 2.22
C ALA B 57 4.90 34.55 2.05
N ILE B 58 5.83 34.56 1.11
CA ILE B 58 6.70 33.37 0.83
C ILE B 58 7.65 33.20 2.02
N GLN B 59 7.78 31.98 2.52
CA GLN B 59 8.62 31.72 3.73
C GLN B 59 9.91 31.01 3.34
N GLN B 60 9.97 30.40 2.18
CA GLN B 60 11.18 29.72 1.68
C GLN B 60 11.02 29.58 0.17
N ALA B 61 12.12 29.68 -0.57
CA ALA B 61 12.12 29.53 -2.03
C ALA B 61 13.10 28.43 -2.41
N CYS B 62 12.65 27.61 -3.34
CA CYS B 62 13.40 26.48 -3.92
C CYS B 62 13.54 26.81 -5.39
N VAL B 63 14.75 27.07 -5.86
CA VAL B 63 14.98 27.61 -7.23
C VAL B 63 15.80 26.61 -8.04
N GLY B 64 15.26 26.15 -9.17
CA GLY B 64 15.92 25.17 -10.05
C GLY B 64 16.44 25.79 -11.34
N TYR B 65 17.68 25.54 -11.68
CA TYR B 65 18.26 25.88 -12.99
C TYR B 65 19.48 24.98 -13.14
N VAL B 66 19.83 24.66 -14.35
CA VAL B 66 20.98 23.76 -14.65
C VAL B 66 22.19 24.60 -15.02
N TYR B 67 22.02 25.59 -15.85
CA TYR B 67 23.17 26.37 -16.38
C TYR B 67 23.27 27.68 -15.64
N GLY B 68 24.45 27.92 -15.07
CA GLY B 68 24.72 29.19 -14.38
C GLY B 68 25.63 28.96 -13.21
N ASP B 69 26.22 30.04 -12.75
CA ASP B 69 27.06 30.02 -11.54
C ASP B 69 26.15 29.77 -10.33
N SER B 70 26.71 29.31 -9.22
CA SER B 70 25.94 29.17 -7.95
C SER B 70 25.29 30.50 -7.55
N THR B 71 24.07 30.45 -7.04
CA THR B 71 23.24 31.57 -6.52
C THR B 71 22.62 32.39 -7.66
N CYS B 72 22.45 31.81 -8.84
CA CYS B 72 21.57 32.45 -9.85
C CYS B 72 20.14 32.57 -9.29
N GLY B 73 19.70 31.69 -8.39
CA GLY B 73 18.34 31.78 -7.83
C GLY B 73 18.13 33.07 -7.09
N GLN B 74 19.03 33.39 -6.17
CA GLN B 74 18.98 34.68 -5.46
C GLN B 74 19.05 35.81 -6.50
N ARG B 75 19.94 35.69 -7.46
CA ARG B 75 20.16 36.83 -8.42
C ARG B 75 18.87 37.06 -9.20
N ALA B 76 18.10 36.01 -9.41
CA ALA B 76 16.85 36.06 -10.20
C ALA B 76 15.68 36.61 -9.37
N ILE B 77 15.70 36.46 -8.05
CA ILE B 77 14.59 36.84 -7.10
C ILE B 77 14.81 38.25 -6.54
N TYR B 78 16.03 38.56 -6.10
CA TYR B 78 16.29 39.67 -5.18
C TYR B 78 15.76 41.00 -5.72
N HIS B 79 15.95 41.23 -7.00
CA HIS B 79 15.80 42.61 -7.56
C HIS B 79 14.47 42.73 -8.30
N SER B 80 13.67 41.68 -8.33
CA SER B 80 12.29 41.73 -8.86
C SER B 80 11.29 41.40 -7.76
N LEU B 81 11.39 40.22 -7.16
CA LEU B 81 10.38 39.81 -6.17
C LEU B 81 10.64 40.50 -4.83
N GLY B 82 11.89 40.54 -4.34
CA GLY B 82 12.18 41.23 -3.08
C GLY B 82 13.37 40.66 -2.34
N LEU B 83 13.72 41.31 -1.24
CA LEU B 83 14.85 40.98 -0.34
C LEU B 83 14.28 40.73 1.07
N SER B 84 13.66 39.60 1.28
CA SER B 84 12.95 39.30 2.54
C SER B 84 13.83 38.56 3.54
N GLY B 85 14.98 38.05 3.10
CA GLY B 85 15.88 37.33 4.00
C GLY B 85 15.55 35.86 4.17
N ILE B 86 14.52 35.35 3.49
CA ILE B 86 14.06 33.94 3.66
C ILE B 86 15.13 32.97 3.14
N PRO B 87 15.08 31.70 3.58
CA PRO B 87 15.94 30.69 2.99
C PRO B 87 15.68 30.58 1.49
N ILE B 88 16.74 30.52 0.69
CA ILE B 88 16.69 30.31 -0.78
C ILE B 88 17.71 29.24 -1.07
N ILE B 89 17.29 28.15 -1.69
CA ILE B 89 18.20 27.05 -2.05
C ILE B 89 18.15 26.86 -3.55
N ASN B 90 19.32 26.77 -4.16
CA ASN B 90 19.49 26.50 -5.60
C ASN B 90 19.61 24.99 -5.78
N VAL B 91 18.78 24.42 -6.64
CA VAL B 91 18.71 22.94 -6.81
C VAL B 91 18.83 22.59 -8.28
N ASN B 92 19.25 21.36 -8.53
CA ASN B 92 19.31 20.86 -9.91
C ASN B 92 19.19 19.34 -9.94
N ASN B 93 18.73 18.86 -11.08
CA ASN B 93 18.59 17.42 -11.37
C ASN B 93 18.39 17.30 -12.87
N ASN B 94 19.22 17.97 -13.67
CA ASN B 94 19.11 17.91 -15.14
CA ASN B 94 19.11 17.89 -15.13
C ASN B 94 17.66 18.20 -15.54
N CSO B 95 17.04 17.39 -16.40
CA CSO B 95 15.75 17.78 -17.02
CA CSO B 95 15.74 17.77 -17.03
CB CSO B 95 15.48 16.93 -18.25
CB CSO B 95 15.54 16.95 -18.28
SG CSO B 95 16.93 16.76 -19.34
SG CSO B 95 16.87 17.21 -19.48
C CSO B 95 14.58 17.70 -16.03
O CSO B 95 13.48 18.21 -16.37
OD CSO B 95 17.80 15.51 -18.64
N SER B 96 14.76 17.13 -14.84
CA SER B 96 13.73 17.14 -13.75
C SER B 96 14.07 18.18 -12.68
N THR B 97 14.89 19.16 -13.02
CA THR B 97 15.21 20.29 -12.11
C THR B 97 13.94 20.98 -11.62
N GLY B 98 13.01 21.29 -12.51
CA GLY B 98 11.79 22.00 -12.12
C GLY B 98 10.95 21.19 -11.15
N SER B 99 10.79 19.89 -11.40
CA SER B 99 10.02 19.05 -10.46
C SER B 99 10.78 18.86 -9.16
N THR B 100 12.11 18.98 -9.20
CA THR B 100 12.94 18.90 -7.97
C THR B 100 12.63 20.09 -7.08
N ALA B 101 12.57 21.29 -7.65
CA ALA B 101 12.15 22.49 -6.88
C ALA B 101 10.75 22.27 -6.29
N LEU B 102 9.81 21.78 -7.10
CA LEU B 102 8.41 21.51 -6.67
C LEU B 102 8.41 20.49 -5.53
N PHE B 103 9.15 19.39 -5.67
CA PHE B 103 9.27 18.32 -4.67
C PHE B 103 9.74 18.89 -3.34
N MET B 104 10.80 19.70 -3.37
CA MET B 104 11.31 20.30 -2.12
C MET B 104 10.23 21.18 -1.50
N GLY B 105 9.58 22.00 -2.30
CA GLY B 105 8.53 22.88 -1.78
C GLY B 105 7.42 22.06 -1.15
N ARG B 106 7.02 20.96 -1.78
CA ARG B 106 5.96 20.08 -1.26
C ARG B 106 6.41 19.53 0.09
N GLN B 107 7.66 19.10 0.20
CA GLN B 107 8.17 18.52 1.46
C GLN B 107 8.08 19.57 2.57
N LEU B 108 8.42 20.83 2.28
CA LEU B 108 8.38 21.91 3.28
C LEU B 108 6.96 22.08 3.84
N ILE B 109 5.96 22.08 2.97
CA ILE B 109 4.56 22.23 3.47
C ILE B 109 4.15 20.96 4.18
N GLN B 110 4.38 19.80 3.59
CA GLN B 110 3.96 18.51 4.19
C GLN B 110 4.55 18.38 5.59
N GLY B 111 5.82 18.78 5.80
CA GLY B 111 6.47 18.59 7.11
C GLY B 111 6.10 19.67 8.10
N GLY B 112 5.34 20.68 7.71
CA GLY B 112 4.99 21.79 8.61
C GLY B 112 6.17 22.72 8.85
N LEU B 113 7.16 22.76 7.95
CA LEU B 113 8.33 23.69 8.05
C LEU B 113 7.87 25.11 7.67
N ALA B 114 6.85 25.22 6.82
CA ALA B 114 6.35 26.50 6.29
C ALA B 114 4.88 26.33 5.94
N ASP B 115 4.17 27.44 5.87
CA ASP B 115 2.77 27.50 5.38
C ASP B 115 2.69 28.01 3.96
N CYS B 116 3.73 28.63 3.40
CA CYS B 116 3.67 29.21 2.04
C CYS B 116 5.08 29.24 1.47
N VAL B 117 5.30 28.59 0.34
CA VAL B 117 6.66 28.52 -0.27
C VAL B 117 6.57 28.73 -1.78
N LEU B 118 7.69 29.10 -2.39
CA LEU B 118 7.81 29.36 -3.83
C LEU B 118 8.71 28.29 -4.43
N ALA B 119 8.26 27.66 -5.50
CA ALA B 119 9.10 26.82 -6.37
C ALA B 119 9.27 27.59 -7.66
N LEU B 120 10.50 27.86 -8.07
CA LEU B 120 10.80 28.67 -9.28
C LEU B 120 11.81 27.90 -10.12
N GLY B 121 11.64 27.84 -11.42
CA GLY B 121 12.60 27.15 -12.29
C GLY B 121 12.79 27.94 -13.55
N PHE B 122 13.99 27.98 -14.09
CA PHE B 122 14.24 28.75 -15.33
C PHE B 122 15.41 28.14 -16.08
N GLU B 123 15.49 28.52 -17.35
CA GLU B 123 16.70 28.16 -18.12
C GLU B 123 16.89 29.13 -19.27
N LYS B 124 18.14 29.53 -19.43
CA LYS B 124 18.63 30.21 -20.64
C LYS B 124 19.68 29.30 -21.29
N MET B 125 19.39 28.86 -22.52
CA MET B 125 20.06 27.74 -23.25
C MET B 125 20.67 28.29 -24.55
N GLU B 126 21.10 27.43 -25.48
CA GLU B 126 21.78 27.82 -26.76
C GLU B 126 21.04 27.25 -27.98
N LYS B 133 30.74 21.73 -20.39
CA LYS B 133 31.92 22.22 -19.61
C LYS B 133 32.18 21.25 -18.45
N TYR B 134 33.28 21.46 -17.73
CA TYR B 134 33.82 20.56 -16.67
C TYR B 134 34.26 19.27 -17.34
N MET B 135 35.21 19.43 -18.25
CA MET B 135 35.87 18.33 -18.98
C MET B 135 36.99 17.75 -18.13
N ASP B 136 37.40 18.43 -17.05
CA ASP B 136 38.57 18.09 -16.18
C ASP B 136 38.21 17.04 -15.13
N ARG B 137 36.99 16.50 -15.14
CA ARG B 137 36.49 15.66 -14.05
C ARG B 137 35.41 14.74 -14.60
N THR B 138 35.07 13.74 -13.80
CA THR B 138 34.06 12.73 -14.15
C THR B 138 32.77 13.40 -14.64
N ASN B 139 32.33 13.05 -15.84
CA ASN B 139 31.04 13.50 -16.39
C ASN B 139 29.93 12.67 -15.74
N PRO B 140 28.88 13.27 -15.13
CA PRO B 140 27.85 12.48 -14.47
C PRO B 140 27.07 11.52 -15.38
N MET B 141 27.13 11.70 -16.70
CA MET B 141 26.37 10.82 -17.64
CA MET B 141 26.39 10.89 -17.72
C MET B 141 27.25 9.73 -18.24
N ASP B 142 28.51 9.64 -17.85
CA ASP B 142 29.47 8.73 -18.53
C ASP B 142 29.01 7.27 -18.45
N LYS B 143 28.52 6.83 -17.30
CA LYS B 143 28.15 5.41 -17.10
C LYS B 143 26.79 5.09 -17.74
N HIS B 144 25.91 6.06 -17.87
CA HIS B 144 24.65 5.91 -18.63
C HIS B 144 25.01 5.71 -20.10
N MET B 145 25.84 6.59 -20.66
CA MET B 145 26.21 6.51 -22.09
CA MET B 145 26.23 6.52 -22.09
C MET B 145 26.97 5.20 -22.35
N GLU B 146 27.74 4.72 -21.39
CA GLU B 146 28.48 3.43 -21.56
C GLU B 146 27.49 2.32 -21.92
N VAL B 147 26.34 2.27 -21.26
CA VAL B 147 25.33 1.21 -21.53
C VAL B 147 24.89 1.28 -22.99
N MET B 148 24.56 2.48 -23.47
CA MET B 148 24.04 2.67 -24.82
C MET B 148 25.12 2.29 -25.83
N ILE B 149 26.32 2.80 -25.63
CA ILE B 149 27.38 2.65 -26.65
C ILE B 149 27.77 1.18 -26.72
N ASN B 150 27.81 0.47 -25.60
CA ASN B 150 28.19 -0.96 -25.63
C ASN B 150 27.12 -1.77 -26.37
N ARG B 151 25.87 -1.33 -26.37
CA ARG B 151 24.83 -2.10 -27.10
CA ARG B 151 24.80 -2.08 -27.09
C ARG B 151 24.79 -1.69 -28.57
N TYR B 152 24.80 -0.39 -28.88
CA TYR B 152 24.43 0.11 -30.22
C TYR B 152 25.54 0.86 -30.93
N GLY B 153 26.65 1.13 -30.26
CA GLY B 153 27.68 2.01 -30.79
C GLY B 153 27.33 3.48 -30.63
N LEU B 154 28.08 4.34 -31.30
CA LEU B 154 27.99 5.81 -31.16
C LEU B 154 27.96 6.45 -32.54
N ALA B 155 26.88 7.15 -32.82
CA ALA B 155 26.70 7.93 -34.07
C ALA B 155 27.25 9.33 -33.88
N ALA B 156 27.46 10.02 -35.01
CA ALA B 156 27.92 11.42 -35.07
C ALA B 156 26.71 12.35 -34.99
N VAL B 157 25.90 12.20 -33.93
CA VAL B 157 24.73 13.07 -33.63
C VAL B 157 24.74 13.30 -32.13
N PRO B 158 24.03 14.32 -31.60
CA PRO B 158 24.06 14.58 -30.15
C PRO B 158 23.65 13.32 -29.37
N ALA B 159 24.08 13.24 -28.12
CA ALA B 159 23.87 12.08 -27.23
C ALA B 159 22.37 11.86 -26.97
N ALA B 160 21.60 12.90 -26.68
CA ALA B 160 20.22 12.70 -26.16
C ALA B 160 19.38 11.92 -27.17
N PRO B 161 19.27 12.31 -28.45
CA PRO B 161 18.43 11.54 -29.37
C PRO B 161 18.93 10.09 -29.56
N GLN B 162 20.24 9.87 -29.44
CA GLN B 162 20.76 8.48 -29.47
C GLN B 162 20.22 7.68 -28.28
N MET B 163 20.26 8.26 -27.07
CA MET B 163 19.87 7.50 -25.87
C MET B 163 18.40 7.08 -25.99
N PHE B 164 17.54 8.04 -26.31
CA PHE B 164 16.08 7.76 -26.37
C PHE B 164 15.72 7.04 -27.67
N GLY B 165 16.35 7.36 -28.79
CA GLY B 165 16.14 6.61 -30.02
C GLY B 165 16.49 5.15 -29.82
N ASN B 166 17.61 4.87 -29.15
CA ASN B 166 18.03 3.47 -28.91
C ASN B 166 17.08 2.76 -27.95
N ALA B 167 16.51 3.46 -26.98
CA ALA B 167 15.45 2.89 -26.12
C ALA B 167 14.27 2.49 -27.01
N GLY B 168 13.89 3.34 -27.95
CA GLY B 168 12.80 3.00 -28.88
C GLY B 168 13.13 1.81 -29.76
N ARG B 169 14.37 1.76 -30.23
CA ARG B 169 14.85 0.57 -31.00
C ARG B 169 14.69 -0.69 -30.14
N GLU B 170 15.06 -0.66 -28.87
CA GLU B 170 14.92 -1.83 -27.97
C GLU B 170 13.46 -2.24 -27.90
N HIS B 171 12.56 -1.26 -27.81
CA HIS B 171 11.11 -1.53 -27.70
C HIS B 171 10.64 -2.21 -28.98
N MET B 172 11.08 -1.75 -30.13
CA MET B 172 10.69 -2.38 -31.41
C MET B 172 11.25 -3.81 -31.47
N GLU B 173 12.48 -4.02 -31.03
CA GLU B 173 13.11 -5.38 -31.05
C GLU B 173 12.30 -6.34 -30.19
N LYS B 174 11.86 -5.91 -29.01
CA LYS B 174 11.24 -6.79 -28.01
C LYS B 174 9.77 -7.02 -28.35
N TYR B 175 9.08 -6.00 -28.86
CA TYR B 175 7.59 -5.98 -28.87
C TYR B 175 6.98 -5.78 -30.25
N GLY B 176 7.73 -5.39 -31.26
CA GLY B 176 7.23 -5.24 -32.64
C GLY B 176 6.49 -3.94 -32.86
N THR B 177 6.62 -2.99 -31.94
CA THR B 177 6.24 -1.56 -32.18
C THR B 177 6.80 -1.13 -33.53
N LYS B 178 6.06 -0.32 -34.26
CA LYS B 178 6.47 0.16 -35.61
C LYS B 178 7.04 1.57 -35.50
N PRO B 179 7.95 1.98 -36.40
CA PRO B 179 8.44 3.37 -36.43
C PRO B 179 7.27 4.37 -36.45
N GLU B 180 6.19 4.02 -37.13
CA GLU B 180 4.99 4.88 -37.33
CA GLU B 180 5.04 4.94 -37.32
C GLU B 180 4.36 5.19 -35.96
N HIS B 181 4.46 4.27 -35.01
CA HIS B 181 3.88 4.49 -33.66
C HIS B 181 4.56 5.70 -33.00
N PHE B 182 5.88 5.80 -33.12
CA PHE B 182 6.65 6.94 -32.56
C PHE B 182 6.24 8.22 -33.26
N ALA B 183 6.11 8.19 -34.60
CA ALA B 183 5.69 9.37 -35.37
C ALA B 183 4.28 9.80 -34.96
N LYS B 184 3.37 8.85 -34.72
CA LYS B 184 1.99 9.17 -34.27
C LYS B 184 2.00 9.86 -32.90
N VAL B 185 2.87 9.47 -31.99
CA VAL B 185 2.95 10.20 -30.68
C VAL B 185 3.38 11.65 -30.94
N ALA B 186 4.37 11.90 -31.79
CA ALA B 186 4.81 13.28 -32.07
C ALA B 186 3.70 14.05 -32.79
N TRP B 187 3.03 13.43 -33.74
CA TRP B 187 1.87 14.03 -34.45
C TRP B 187 0.86 14.55 -33.42
N LYS B 188 0.52 13.70 -32.45
CA LYS B 188 -0.48 13.99 -31.40
C LYS B 188 0.00 15.23 -30.61
N ASN B 189 1.27 15.26 -30.22
CA ASN B 189 1.77 16.39 -29.42
C ASN B 189 1.67 17.69 -30.22
N HIS B 190 2.08 17.69 -31.49
CA HIS B 190 1.99 18.93 -32.32
C HIS B 190 0.54 19.33 -32.52
N LYS B 191 -0.38 18.38 -32.66
CA LYS B 191 -1.82 18.75 -32.77
C LYS B 191 -2.30 19.47 -31.50
N HIS B 192 -1.93 18.97 -30.32
CA HIS B 192 -2.31 19.62 -29.06
C HIS B 192 -1.72 21.04 -28.96
N SER B 193 -0.52 21.25 -29.51
CA SER B 193 0.24 22.52 -29.36
C SER B 193 -0.53 23.68 -30.01
N THR B 194 -1.42 23.41 -30.96
CA THR B 194 -2.17 24.49 -31.64
C THR B 194 -2.97 25.26 -30.60
N ASN B 195 -3.27 24.65 -29.46
CA ASN B 195 -4.13 25.26 -28.42
C ASN B 195 -3.31 25.90 -27.30
N ASN B 196 -1.99 26.00 -27.43
CA ASN B 196 -1.11 26.43 -26.31
C ASN B 196 -0.28 27.64 -26.71
N PRO B 197 -0.69 28.86 -26.33
CA PRO B 197 0.07 30.05 -26.70
C PRO B 197 1.44 30.15 -26.00
N TYR B 198 1.71 29.34 -24.99
CA TYR B 198 3.06 29.32 -24.37
C TYR B 198 4.05 28.46 -25.17
N SER B 199 3.60 27.67 -26.13
CA SER B 199 4.43 26.68 -26.84
C SER B 199 5.35 27.36 -27.88
N GLN B 200 6.60 26.93 -27.98
CA GLN B 200 7.53 27.45 -29.01
C GLN B 200 6.93 27.18 -30.39
N PHE B 201 6.46 25.96 -30.61
CA PHE B 201 5.81 25.56 -31.88
C PHE B 201 4.32 25.36 -31.64
N GLN B 202 3.48 25.93 -32.53
CA GLN B 202 2.01 25.83 -32.42
C GLN B 202 1.40 25.36 -33.74
N ASP B 203 2.16 24.74 -34.61
CA ASP B 203 1.62 24.23 -35.90
C ASP B 203 1.23 22.78 -35.79
N GLU B 204 0.08 22.42 -36.36
CA GLU B 204 -0.33 21.02 -36.59
C GLU B 204 0.39 20.52 -37.85
N TYR B 205 0.92 19.32 -37.79
CA TYR B 205 1.51 18.63 -38.96
C TYR B 205 0.65 17.43 -39.27
N SER B 206 0.64 17.01 -40.52
CA SER B 206 0.12 15.68 -40.89
C SER B 206 1.08 14.62 -40.37
N LEU B 207 0.61 13.40 -40.22
CA LEU B 207 1.50 12.29 -39.83
C LEU B 207 2.63 12.17 -40.86
N GLU B 208 2.29 12.38 -42.14
CA GLU B 208 3.25 12.25 -43.26
C GLU B 208 4.36 13.30 -43.06
N GLN B 209 3.99 14.52 -42.65
CA GLN B 209 4.97 15.61 -42.44
C GLN B 209 5.92 15.27 -41.29
N VAL B 210 5.39 14.62 -40.26
CA VAL B 210 6.26 14.19 -39.12
C VAL B 210 7.27 13.17 -39.65
N ILE B 211 6.79 12.15 -40.35
CA ILE B 211 7.64 11.03 -40.86
C ILE B 211 8.68 11.57 -41.84
N ASP B 212 8.33 12.61 -42.62
CA ASP B 212 9.20 13.13 -43.70
C ASP B 212 10.04 14.33 -43.25
N SER B 213 10.02 14.70 -41.96
CA SER B 213 10.91 15.76 -41.45
C SER B 213 12.35 15.21 -41.35
N ARG B 214 13.33 16.10 -41.27
CA ARG B 214 14.78 15.77 -41.33
CA ARG B 214 14.77 15.73 -41.37
C ARG B 214 15.11 14.62 -40.35
N LYS B 215 15.82 13.59 -40.82
CA LYS B 215 16.27 12.50 -39.91
C LYS B 215 17.27 13.05 -38.90
N VAL B 216 17.08 12.75 -37.62
CA VAL B 216 18.00 13.14 -36.52
C VAL B 216 18.80 11.90 -36.10
N PHE B 217 18.12 10.79 -35.86
CA PHE B 217 18.80 9.54 -35.43
C PHE B 217 17.84 8.38 -35.68
N GLU B 218 18.24 7.47 -36.57
CA GLU B 218 17.42 6.25 -36.86
C GLU B 218 16.00 6.69 -37.22
N PHE B 219 14.97 6.23 -36.52
CA PHE B 219 13.55 6.54 -36.86
C PHE B 219 13.18 7.95 -36.37
N LEU B 220 13.96 8.56 -35.47
CA LEU B 220 13.64 9.89 -34.91
C LEU B 220 13.90 10.95 -35.97
N THR B 221 12.82 11.61 -36.38
CA THR B 221 12.89 12.80 -37.26
C THR B 221 12.78 14.07 -36.41
N LEU B 222 13.05 15.22 -37.00
CA LEU B 222 13.12 16.50 -36.25
C LEU B 222 11.83 16.75 -35.47
N LEU B 223 10.66 16.47 -36.05
CA LEU B 223 9.36 16.80 -35.40
C LEU B 223 9.04 15.79 -34.29
N GLN B 224 9.90 14.81 -34.07
CA GLN B 224 9.80 13.84 -32.94
C GLN B 224 10.74 14.22 -31.80
N CYS B 225 11.47 15.31 -31.91
CA CYS B 225 12.54 15.72 -30.96
C CYS B 225 12.16 17.06 -30.33
N CYS B 226 12.36 17.21 -29.03
CA CYS B 226 12.09 18.50 -28.37
C CYS B 226 13.15 19.47 -28.86
N PRO B 227 12.75 20.73 -29.12
CA PRO B 227 13.71 21.81 -29.33
C PRO B 227 14.21 22.35 -28.00
N THR B 228 15.34 23.06 -28.03
CA THR B 228 15.80 23.93 -26.93
C THR B 228 14.91 25.18 -26.92
N SER B 229 14.39 25.50 -25.73
CA SER B 229 13.62 26.73 -25.43
C SER B 229 14.28 27.42 -24.23
N ASP B 230 14.11 28.72 -24.16
CA ASP B 230 14.37 29.55 -22.95
C ASP B 230 13.02 29.83 -22.31
N GLY B 231 12.96 29.84 -20.99
CA GLY B 231 11.74 30.20 -20.28
C GLY B 231 11.86 29.98 -18.80
N ALA B 232 10.79 30.32 -18.09
CA ALA B 232 10.70 30.15 -16.64
C ALA B 232 9.29 29.70 -16.26
N GLY B 233 9.19 29.06 -15.10
CA GLY B 233 7.91 28.72 -14.48
C GLY B 233 7.96 28.83 -12.99
N ALA B 234 6.81 28.92 -12.33
CA ALA B 234 6.78 29.08 -10.88
C ALA B 234 5.47 28.54 -10.33
N ALA B 235 5.52 28.05 -9.10
CA ALA B 235 4.34 27.58 -8.36
C ALA B 235 4.45 28.08 -6.92
N VAL B 236 3.35 28.53 -6.38
CA VAL B 236 3.20 28.84 -4.94
C VAL B 236 2.51 27.65 -4.29
N LEU B 237 3.13 27.07 -3.26
CA LEU B 237 2.57 25.94 -2.51
C LEU B 237 2.17 26.45 -1.12
N ALA B 238 1.13 25.86 -0.54
CA ALA B 238 0.60 26.35 0.74
C ALA B 238 -0.05 25.22 1.51
N SER B 239 -0.09 25.41 2.81
CA SER B 239 -0.78 24.52 3.76
C SER B 239 -2.31 24.73 3.73
N GLU B 240 -3.00 23.78 4.34
CA GLU B 240 -4.47 23.87 4.55
C GLU B 240 -4.80 25.11 5.40
N SER B 241 -4.04 25.35 6.46
CA SER B 241 -4.30 26.53 7.34
C SER B 241 -4.11 27.83 6.54
N PHE B 242 -3.12 27.89 5.63
CA PHE B 242 -2.90 29.09 4.81
C PHE B 242 -4.08 29.29 3.84
N VAL B 243 -4.50 28.22 3.19
CA VAL B 243 -5.64 28.24 2.24
C VAL B 243 -6.90 28.74 2.98
N ARG B 244 -7.16 28.19 4.16
CA ARG B 244 -8.39 28.55 4.93
C ARG B 244 -8.30 30.02 5.37
N ARG B 245 -7.16 30.46 5.91
CA ARG B 245 -6.99 31.82 6.46
C ARG B 245 -7.16 32.86 5.34
N ASN B 246 -6.74 32.54 4.12
CA ASN B 246 -6.73 33.47 2.97
C ASN B 246 -7.91 33.22 2.02
N GLY B 247 -8.78 32.25 2.31
CA GLY B 247 -9.98 31.97 1.47
C GLY B 247 -9.62 31.56 0.06
N LEU B 248 -8.61 30.71 -0.10
CA LEU B 248 -8.08 30.32 -1.43
C LEU B 248 -8.54 28.92 -1.84
N GLU B 249 -9.65 28.41 -1.30
CA GLU B 249 -10.14 27.05 -1.62
C GLU B 249 -10.34 26.90 -3.14
N LYS B 250 -10.77 27.96 -3.83
CA LYS B 250 -11.17 27.89 -5.26
C LYS B 250 -10.00 27.44 -6.13
N LYS B 251 -8.80 28.00 -5.96
CA LYS B 251 -7.69 27.69 -6.88
C LYS B 251 -6.82 26.58 -6.28
N ALA B 252 -7.15 26.04 -5.10
CA ALA B 252 -6.21 25.16 -4.39
C ALA B 252 -6.19 23.76 -5.00
N VAL B 253 -5.08 23.44 -5.67
CA VAL B 253 -4.88 22.13 -6.34
C VAL B 253 -4.06 21.26 -5.40
N GLU B 254 -4.63 20.22 -4.85
CA GLU B 254 -3.93 19.37 -3.88
C GLU B 254 -2.94 18.47 -4.59
N ILE B 255 -1.74 18.36 -4.04
CA ILE B 255 -0.81 17.25 -4.41
C ILE B 255 -1.20 16.05 -3.57
N VAL B 256 -1.82 15.06 -4.18
CA VAL B 256 -2.35 13.90 -3.41
C VAL B 256 -1.30 12.78 -3.33
N ALA B 257 -0.25 12.84 -4.15
CA ALA B 257 0.91 11.94 -4.02
C ALA B 257 2.08 12.53 -4.81
N GLN B 258 3.29 12.26 -4.36
CA GLN B 258 4.46 12.67 -5.14
C GLN B 258 5.64 11.78 -4.74
N GLU B 259 6.39 11.31 -5.73
CA GLU B 259 7.56 10.45 -5.49
C GLU B 259 8.72 10.90 -6.37
N MET B 260 9.91 10.92 -5.79
CA MET B 260 11.16 11.05 -6.57
C MET B 260 11.90 9.72 -6.46
N VAL B 261 12.31 9.15 -7.59
CA VAL B 261 13.12 7.91 -7.62
C VAL B 261 14.39 8.20 -8.44
N THR B 262 15.53 7.74 -7.96
CA THR B 262 16.84 7.82 -8.63
C THR B 262 17.20 6.40 -9.14
N ASP B 263 18.37 6.27 -9.76
CA ASP B 263 18.67 5.05 -10.51
C ASP B 263 18.76 3.84 -9.58
N LEU B 264 18.33 2.72 -10.13
CA LEU B 264 18.57 1.38 -9.55
C LEU B 264 19.67 0.66 -10.35
N SER B 265 20.17 -0.46 -9.83
CA SER B 265 21.21 -1.22 -10.57
C SER B 265 20.73 -1.56 -11.97
N THR B 266 19.42 -1.68 -12.20
CA THR B 266 18.89 -2.09 -13.52
C THR B 266 19.29 -1.08 -14.60
N THR B 267 19.60 0.16 -14.26
CA THR B 267 20.07 1.17 -15.24
C THR B 267 21.32 0.69 -15.95
N PHE B 268 22.22 0.08 -15.19
CA PHE B 268 23.61 -0.14 -15.62
C PHE B 268 23.85 -1.60 -15.95
N GLU B 269 23.03 -2.53 -15.46
CA GLU B 269 23.44 -3.97 -15.41
C GLU B 269 22.63 -4.86 -16.36
N GLU B 270 21.72 -4.32 -17.17
CA GLU B 270 20.77 -5.13 -17.98
C GLU B 270 20.98 -4.91 -19.48
N ASN B 271 22.03 -4.19 -19.91
CA ASN B 271 22.31 -3.97 -21.35
CA ASN B 271 22.31 -3.97 -21.35
C ASN B 271 21.07 -3.38 -22.00
N SER B 272 20.32 -2.55 -21.26
CA SER B 272 18.99 -2.07 -21.68
C SER B 272 18.95 -0.54 -21.78
N CYS B 273 18.77 -0.01 -22.98
CA CYS B 273 18.59 1.44 -23.16
C CYS B 273 17.28 1.89 -22.52
N MET B 274 16.23 1.06 -22.54
CA MET B 274 14.98 1.46 -21.85
C MET B 274 15.24 1.65 -20.35
N LYS B 275 15.95 0.73 -19.72
CA LYS B 275 16.24 0.89 -18.27
C LYS B 275 17.19 2.08 -18.09
N MET B 276 18.14 2.24 -19.00
CA MET B 276 19.13 3.31 -18.82
C MET B 276 18.46 4.69 -18.84
N VAL B 277 17.40 4.88 -19.62
CA VAL B 277 16.73 6.20 -19.68
C VAL B 277 15.60 6.31 -18.63
N GLY B 278 15.48 5.35 -17.72
CA GLY B 278 14.72 5.56 -16.47
C GLY B 278 13.43 4.76 -16.41
N TYR B 279 13.21 3.78 -17.27
CA TYR B 279 11.92 3.05 -17.29
C TYR B 279 11.58 2.52 -15.88
N ASP B 280 12.52 1.87 -15.17
CA ASP B 280 12.20 1.29 -13.83
C ASP B 280 12.01 2.39 -12.79
N MET B 281 12.67 3.54 -12.94
CA MET B 281 12.51 4.68 -12.02
C MET B 281 11.08 5.21 -12.16
N THR B 282 10.66 5.45 -13.39
CA THR B 282 9.25 5.86 -13.66
C THR B 282 8.27 4.86 -13.07
N ARG B 283 8.48 3.59 -13.33
CA ARG B 283 7.53 2.54 -12.88
C ARG B 283 7.41 2.59 -11.36
N LEU B 284 8.52 2.61 -10.63
CA LEU B 284 8.48 2.59 -9.15
C LEU B 284 7.80 3.85 -8.65
N ALA B 285 8.16 5.02 -9.18
CA ALA B 285 7.61 6.30 -8.70
C ALA B 285 6.10 6.28 -8.90
N ALA B 286 5.63 5.86 -10.06
CA ALA B 286 4.17 5.84 -10.35
C ALA B 286 3.46 4.82 -9.47
N GLU B 287 4.00 3.61 -9.33
CA GLU B 287 3.33 2.57 -8.51
C GLU B 287 3.18 3.11 -7.08
N ARG B 288 4.21 3.75 -6.54
CA ARG B 288 4.13 4.25 -5.14
C ARG B 288 3.07 5.36 -5.07
N CYS B 289 3.02 6.23 -6.08
CA CYS B 289 1.98 7.28 -6.08
C CYS B 289 0.56 6.69 -6.12
N TYR B 290 0.32 5.73 -7.00
CA TYR B 290 -1.01 5.09 -7.11
C TYR B 290 -1.38 4.48 -5.76
N ASP B 291 -0.43 3.84 -5.07
CA ASP B 291 -0.71 3.21 -3.76
C ASP B 291 -1.06 4.29 -2.74
N THR B 292 -0.30 5.39 -2.70
CA THR B 292 -0.53 6.46 -1.71
C THR B 292 -1.91 7.09 -1.91
N ALA B 293 -2.26 7.40 -3.15
CA ALA B 293 -3.47 8.18 -3.47
C ALA B 293 -4.68 7.25 -3.56
N GLY B 294 -4.48 5.93 -3.59
CA GLY B 294 -5.59 4.96 -3.68
C GLY B 294 -6.25 5.05 -5.03
N VAL B 295 -5.47 5.21 -6.10
CA VAL B 295 -6.00 5.26 -7.48
C VAL B 295 -5.26 4.26 -8.36
N LYS B 296 -5.81 4.07 -9.54
CA LYS B 296 -5.23 3.23 -10.62
C LYS B 296 -5.00 4.14 -11.83
N PRO B 297 -4.13 3.74 -12.77
CA PRO B 297 -3.92 4.49 -14.01
C PRO B 297 -5.20 4.87 -14.74
N SER B 298 -6.20 3.97 -14.74
CA SER B 298 -7.49 4.22 -15.41
C SER B 298 -8.25 5.38 -14.76
N ASP B 299 -7.93 5.78 -13.53
CA ASP B 299 -8.60 6.93 -12.87
C ASP B 299 -8.03 8.27 -13.39
N VAL B 300 -6.79 8.25 -13.89
CA VAL B 300 -6.15 9.51 -14.34
C VAL B 300 -6.87 10.03 -15.57
N ASP B 301 -7.16 11.33 -15.61
CA ASP B 301 -7.91 11.93 -16.74
C ASP B 301 -6.97 12.66 -17.71
N VAL B 302 -5.89 13.26 -17.19
CA VAL B 302 -5.02 14.14 -17.98
C VAL B 302 -3.60 13.97 -17.45
N ILE B 303 -2.67 13.95 -18.38
CA ILE B 303 -1.24 13.68 -18.10
C ILE B 303 -0.38 14.74 -18.78
N GLU B 304 0.66 15.19 -18.12
CA GLU B 304 1.81 15.90 -18.71
C GLU B 304 3.01 15.04 -18.41
N LEU B 305 3.64 14.44 -19.41
CA LEU B 305 4.77 13.52 -19.19
C LEU B 305 5.99 13.98 -19.97
N HIS B 306 7.11 13.28 -19.80
CA HIS B 306 8.42 13.78 -20.27
C HIS B 306 8.70 13.31 -21.70
N ASP B 307 8.05 13.93 -22.68
CA ASP B 307 8.22 13.58 -24.11
C ASP B 307 9.43 14.34 -24.68
N CYS B 308 10.63 14.18 -24.13
CA CYS B 308 11.83 14.81 -24.73
C CYS B 308 12.00 14.31 -26.18
N PHE B 309 11.62 13.07 -26.42
CA PHE B 309 11.55 12.43 -27.75
C PHE B 309 10.29 11.59 -27.78
N SER B 310 9.70 11.39 -28.95
CA SER B 310 8.52 10.53 -29.10
C SER B 310 8.77 9.18 -28.41
N ALA B 311 9.99 8.64 -28.49
CA ALA B 311 10.34 7.34 -27.90
C ALA B 311 10.16 7.33 -26.39
N ASN B 312 10.48 8.44 -25.72
CA ASN B 312 10.32 8.44 -24.25
C ASN B 312 8.84 8.40 -23.88
N GLU B 313 7.99 9.10 -24.62
CA GLU B 313 6.55 9.09 -24.30
C GLU B 313 5.99 7.68 -24.51
N LEU B 314 6.35 7.02 -25.63
CA LEU B 314 5.79 5.71 -25.95
C LEU B 314 6.15 4.70 -24.85
N ILE B 315 7.41 4.64 -24.42
CA ILE B 315 7.79 3.63 -23.36
C ILE B 315 7.21 4.04 -22.01
N THR B 316 7.02 5.33 -21.77
CA THR B 316 6.47 5.83 -20.49
C THR B 316 5.00 5.40 -20.36
N TYR B 317 4.26 5.20 -21.45
CA TYR B 317 2.88 4.69 -21.34
C TYR B 317 2.88 3.35 -20.56
N GLU B 318 3.87 2.52 -20.86
CA GLU B 318 3.98 1.17 -20.24
C GLU B 318 4.54 1.31 -18.82
N ALA B 319 5.54 2.17 -18.60
CA ALA B 319 6.14 2.31 -17.27
C ALA B 319 5.09 2.87 -16.30
N LEU B 320 4.21 3.74 -16.76
CA LEU B 320 3.12 4.32 -15.91
C LEU B 320 1.98 3.32 -15.73
N GLY B 321 1.97 2.22 -16.48
CA GLY B 321 0.90 1.22 -16.32
C GLY B 321 -0.37 1.60 -17.03
N LEU B 322 -0.33 2.50 -18.02
CA LEU B 322 -1.54 2.81 -18.79
C LEU B 322 -1.96 1.58 -19.57
N CYS B 323 -0.99 0.84 -20.08
CA CYS B 323 -1.28 -0.38 -20.87
C CYS B 323 -0.23 -1.41 -20.53
N PRO B 324 -0.50 -2.70 -20.82
CA PRO B 324 0.48 -3.75 -20.54
C PRO B 324 1.79 -3.59 -21.35
N GLU B 325 2.83 -4.28 -20.91
CA GLU B 325 4.13 -4.27 -21.60
C GLU B 325 3.92 -4.68 -23.06
N GLY B 326 4.51 -3.90 -23.96
CA GLY B 326 4.47 -4.11 -25.41
C GLY B 326 3.20 -3.63 -26.07
N LYS B 327 2.23 -3.08 -25.33
CA LYS B 327 0.93 -2.69 -25.94
C LYS B 327 0.80 -1.18 -26.19
N ALA B 328 1.86 -0.39 -26.06
CA ALA B 328 1.77 1.06 -26.36
C ALA B 328 1.26 1.30 -27.78
N GLY B 329 1.68 0.50 -28.76
CA GLY B 329 1.24 0.71 -30.15
C GLY B 329 -0.26 0.59 -30.29
N GLU B 330 -0.89 -0.30 -29.54
CA GLU B 330 -2.36 -0.47 -29.53
C GLU B 330 -3.02 0.76 -28.93
N LEU B 331 -2.52 1.29 -27.80
CA LEU B 331 -3.04 2.53 -27.16
C LEU B 331 -3.00 3.68 -28.17
N ILE B 332 -1.87 3.81 -28.88
CA ILE B 332 -1.64 4.85 -29.91
C ILE B 332 -2.64 4.70 -31.07
N ASP B 333 -2.76 3.49 -31.58
CA ASP B 333 -3.62 3.22 -32.77
C ASP B 333 -5.10 3.45 -32.41
N ARG B 334 -5.49 3.30 -31.16
CA ARG B 334 -6.88 3.53 -30.67
C ARG B 334 -7.14 5.02 -30.40
N GLY B 335 -6.12 5.88 -30.44
CA GLY B 335 -6.30 7.29 -30.05
C GLY B 335 -6.56 7.47 -28.55
N ASP B 336 -6.04 6.56 -27.72
CA ASP B 336 -6.31 6.59 -26.26
C ASP B 336 -5.36 7.54 -25.52
N ASN B 337 -4.61 8.36 -26.25
CA ASN B 337 -3.69 9.39 -25.70
C ASN B 337 -4.15 10.80 -26.05
N THR B 338 -5.33 10.99 -26.63
CA THR B 338 -5.80 12.34 -27.02
C THR B 338 -7.29 12.50 -26.69
N TYR B 339 -7.82 13.68 -27.00
CA TYR B 339 -9.25 14.02 -26.79
C TYR B 339 -10.15 12.92 -27.39
N GLY B 340 -11.16 12.53 -26.62
CA GLY B 340 -12.07 11.45 -27.02
C GLY B 340 -11.55 10.06 -26.71
N GLY B 341 -10.31 9.95 -26.23
CA GLY B 341 -9.72 8.67 -25.82
C GLY B 341 -9.67 8.54 -24.31
N LYS B 342 -9.03 7.49 -23.83
CA LYS B 342 -9.02 7.20 -22.39
C LYS B 342 -8.25 8.29 -21.63
N TRP B 343 -7.07 8.66 -22.11
CA TRP B 343 -6.20 9.66 -21.44
C TRP B 343 -5.93 10.79 -22.41
N VAL B 344 -6.00 12.03 -21.93
CA VAL B 344 -5.52 13.17 -22.75
C VAL B 344 -4.09 13.45 -22.29
N ILE B 345 -3.14 13.14 -23.16
CA ILE B 345 -1.70 13.17 -22.76
C ILE B 345 -1.04 14.36 -23.42
N ASN B 346 -0.44 15.23 -22.61
CA ASN B 346 0.26 16.46 -23.06
C ASN B 346 -0.71 17.36 -23.80
N PRO B 347 -1.80 17.83 -23.15
CA PRO B 347 -2.64 18.86 -23.76
C PRO B 347 -1.87 20.16 -24.08
N SER B 348 -0.73 20.36 -23.41
CA SER B 348 0.18 21.52 -23.65
C SER B 348 0.89 21.42 -25.01
N GLY B 349 0.96 20.24 -25.61
CA GLY B 349 1.81 20.00 -26.77
C GLY B 349 3.12 19.33 -26.42
N GLY B 350 3.37 19.10 -25.14
CA GLY B 350 4.55 18.39 -24.65
C GLY B 350 5.86 19.13 -24.86
N LEU B 351 6.95 18.52 -24.41
CA LEU B 351 8.30 19.04 -24.71
C LEU B 351 8.52 19.08 -26.21
N ILE B 352 7.91 18.16 -26.95
CA ILE B 352 8.13 18.07 -28.43
C ILE B 352 7.69 19.39 -29.10
N SER B 353 6.64 20.03 -28.60
CA SER B 353 6.14 21.30 -29.21
C SER B 353 6.60 22.52 -28.40
N LYS B 354 6.52 22.47 -27.08
CA LYS B 354 6.90 23.65 -26.22
C LYS B 354 8.40 23.92 -26.26
N GLY B 355 9.21 22.90 -26.41
CA GLY B 355 10.64 22.96 -26.10
C GLY B 355 10.81 22.80 -24.61
N HIS B 356 12.05 22.82 -24.23
CA HIS B 356 12.49 22.20 -22.96
C HIS B 356 13.59 23.07 -22.37
N PRO B 357 13.21 24.15 -21.66
CA PRO B 357 14.16 24.87 -20.83
C PRO B 357 14.34 24.03 -19.56
N LEU B 358 15.52 23.46 -19.35
CA LEU B 358 15.69 22.34 -18.37
C LEU B 358 15.07 22.70 -17.02
N GLY B 359 15.44 23.82 -16.41
CA GLY B 359 14.94 24.20 -15.08
C GLY B 359 13.44 24.45 -15.04
N ALA B 360 12.86 24.94 -16.14
CA ALA B 360 11.45 25.40 -16.15
C ALA B 360 10.47 24.24 -16.46
N THR B 361 10.89 23.19 -17.14
CA THR B 361 9.93 22.20 -17.70
C THR B 361 8.98 21.67 -16.62
N GLY B 362 9.49 21.23 -15.47
CA GLY B 362 8.61 20.63 -14.46
C GLY B 362 7.57 21.61 -13.91
N LEU B 363 7.90 22.90 -13.86
CA LEU B 363 6.93 23.91 -13.35
C LEU B 363 5.91 24.24 -14.44
N ALA B 364 6.28 24.20 -15.73
CA ALA B 364 5.32 24.38 -16.85
C ALA B 364 4.31 23.22 -16.83
N GLN B 365 4.74 21.99 -16.57
CA GLN B 365 3.83 20.83 -16.51
C GLN B 365 2.82 21.03 -15.36
N CYS B 366 3.31 21.42 -14.18
CA CYS B 366 2.48 21.69 -13.00
C CYS B 366 1.46 22.75 -13.39
N ALA B 367 1.89 23.84 -14.03
CA ALA B 367 0.96 24.94 -14.36
C ALA B 367 -0.18 24.42 -15.24
N GLU B 368 0.13 23.66 -16.29
CA GLU B 368 -0.91 23.18 -17.22
C GLU B 368 -1.87 22.28 -16.46
N LEU B 369 -1.36 21.38 -15.60
CA LEU B 369 -2.24 20.45 -14.90
C LEU B 369 -3.14 21.21 -13.93
N CYS B 370 -2.63 22.25 -13.28
CA CYS B 370 -3.45 23.07 -12.37
C CYS B 370 -4.54 23.78 -13.17
N TRP B 371 -4.19 24.36 -14.31
CA TRP B 371 -5.23 25.03 -15.15
C TRP B 371 -6.28 24.01 -15.59
N GLN B 372 -5.87 22.80 -15.96
CA GLN B 372 -6.81 21.73 -16.36
C GLN B 372 -7.77 21.44 -15.20
N LEU B 373 -7.27 21.18 -13.99
CA LEU B 373 -8.16 20.78 -12.87
C LEU B 373 -9.05 21.95 -12.41
N ARG B 374 -8.57 23.17 -12.58
CA ARG B 374 -9.31 24.42 -12.24
C ARG B 374 -10.33 24.75 -13.35
N ALA B 375 -10.35 23.98 -14.44
CA ALA B 375 -11.26 24.18 -15.59
C ALA B 375 -11.02 25.58 -16.17
N GLU B 376 -9.75 25.93 -16.34
CA GLU B 376 -9.31 27.24 -16.87
C GLU B 376 -8.34 27.03 -18.04
N ALA B 377 -8.32 25.85 -18.67
CA ALA B 377 -7.35 25.56 -19.74
C ALA B 377 -7.83 25.94 -21.14
N GLY B 378 -8.91 26.72 -21.24
CA GLY B 378 -9.38 27.26 -22.53
C GLY B 378 -9.56 26.15 -23.58
N PRO B 379 -8.98 26.33 -24.76
CA PRO B 379 -9.23 25.40 -25.87
C PRO B 379 -8.53 24.04 -25.64
N ARG B 380 -7.68 23.96 -24.63
CA ARG B 380 -7.01 22.67 -24.30
C ARG B 380 -7.82 21.87 -23.29
N GLN B 381 -8.88 22.46 -22.75
CA GLN B 381 -9.58 21.87 -21.58
C GLN B 381 -9.96 20.41 -21.85
N VAL B 382 -9.54 19.54 -20.93
CA VAL B 382 -10.02 18.14 -20.84
C VAL B 382 -11.31 18.21 -20.03
N PRO B 383 -12.50 18.01 -20.67
CA PRO B 383 -13.75 18.18 -19.96
C PRO B 383 -13.88 17.23 -18.77
N GLY B 384 -14.17 17.78 -17.60
CA GLY B 384 -14.43 17.01 -16.39
C GLY B 384 -13.18 16.44 -15.76
N ALA B 385 -11.97 16.84 -16.16
CA ALA B 385 -10.75 16.29 -15.54
C ALA B 385 -10.78 16.47 -14.02
N LYS B 386 -10.50 15.40 -13.28
CA LYS B 386 -10.54 15.40 -11.80
C LYS B 386 -9.20 14.94 -11.24
N LEU B 387 -8.46 14.09 -11.94
CA LEU B 387 -7.17 13.55 -11.45
C LEU B 387 -6.15 13.74 -12.57
N ALA B 388 -5.04 14.38 -12.23
CA ALA B 388 -3.93 14.68 -13.16
C ALA B 388 -2.66 13.98 -12.70
N LEU B 389 -1.89 13.52 -13.67
CA LEU B 389 -0.56 12.89 -13.43
C LEU B 389 0.50 13.70 -14.18
N GLN B 390 1.56 14.03 -13.46
CA GLN B 390 2.78 14.68 -13.98
C GLN B 390 3.94 13.69 -13.93
N HIS B 391 4.74 13.65 -14.99
CA HIS B 391 5.96 12.81 -15.09
C HIS B 391 7.08 13.67 -15.68
N ASN B 392 8.18 13.76 -14.94
CA ASN B 392 9.33 14.61 -15.35
C ASN B 392 10.57 13.83 -14.96
N ILE B 393 11.47 13.59 -15.91
CA ILE B 393 12.68 12.78 -15.64
C ILE B 393 13.90 13.49 -16.19
N GLY B 394 14.98 13.46 -15.40
CA GLY B 394 16.30 13.94 -15.86
C GLY B 394 17.29 12.80 -15.73
N LEU B 395 18.12 12.61 -16.72
CA LEU B 395 19.14 11.53 -16.63
C LEU B 395 20.26 11.98 -15.70
N GLY B 396 20.85 11.02 -15.00
CA GLY B 396 21.92 11.28 -14.03
C GLY B 396 21.69 10.63 -12.67
N GLY B 397 20.51 10.70 -12.05
CA GLY B 397 19.34 11.40 -12.54
C GLY B 397 18.20 11.22 -11.53
N ALA B 398 16.99 11.62 -11.89
CA ALA B 398 15.85 11.55 -10.97
C ALA B 398 14.59 11.66 -11.81
N VAL B 399 13.59 10.86 -11.47
CA VAL B 399 12.21 11.05 -11.98
C VAL B 399 11.36 11.55 -10.84
N VAL B 400 10.44 12.46 -11.14
CA VAL B 400 9.41 12.89 -10.18
C VAL B 400 8.06 12.63 -10.82
N VAL B 401 7.26 11.84 -10.15
CA VAL B 401 5.82 11.66 -10.52
C VAL B 401 4.95 12.35 -9.46
N THR B 402 3.99 13.12 -9.91
CA THR B 402 3.12 13.91 -9.02
C THR B 402 1.68 13.65 -9.43
N LEU B 403 0.79 13.42 -8.47
CA LEU B 403 -0.67 13.31 -8.73
C LEU B 403 -1.38 14.50 -8.10
N TYR B 404 -2.33 15.06 -8.82
CA TYR B 404 -3.05 16.26 -8.38
C TYR B 404 -4.56 16.06 -8.47
N LYS B 405 -5.30 16.64 -7.51
CA LYS B 405 -6.78 16.75 -7.56
C LYS B 405 -7.14 18.10 -6.97
N MET B 406 -8.31 18.68 -7.26
CA MET B 406 -8.72 19.90 -6.57
C MET B 406 -8.86 19.57 -5.07
N GLY B 407 -8.46 20.50 -4.22
CA GLY B 407 -8.45 20.32 -2.77
C GLY B 407 -9.84 20.38 -2.15
N PHE B 408 -10.72 21.20 -2.72
CA PHE B 408 -12.02 21.52 -2.07
C PHE B 408 -13.11 21.56 -3.14
N PRO B 409 -13.38 20.43 -3.80
CA PRO B 409 -14.31 20.44 -4.95
C PRO B 409 -15.79 20.74 -4.60
C ACT C . -12.15 -14.26 20.45
O ACT C . -12.02 -15.11 21.35
OXT ACT C . -12.04 -14.51 19.26
CH3 ACT C . -12.50 -12.82 20.79
C ACT D . -12.44 -19.79 21.70
O ACT D . -11.46 -20.11 21.02
OXT ACT D . -12.39 -18.94 22.60
CH3 ACT D . -13.78 -20.49 21.44
C1 GOL E . 2.55 34.38 -22.75
O1 GOL E . 3.18 35.21 -21.80
C2 GOL E . 1.10 34.20 -22.40
O2 GOL E . 0.49 35.49 -22.35
C3 GOL E . 0.37 33.30 -23.36
O3 GOL E . -0.97 33.76 -23.60
C1 GOL F . 12.67 -4.15 -20.82
O1 GOL F . 14.05 -3.78 -20.69
C2 GOL F . 11.78 -3.50 -19.78
O2 GOL F . 12.02 -2.09 -19.75
C3 GOL F . 10.31 -3.76 -19.94
O3 GOL F . 9.81 -3.49 -21.25
N1A COA G . 11.54 20.74 -33.76
C2A COA G . 11.16 21.67 -34.74
N3A COA G . 12.12 22.62 -35.17
C4A COA G . 13.35 22.60 -34.60
C5A COA G . 13.68 21.70 -33.66
C6A COA G . 12.79 20.80 -33.24
N6A COA G . 13.27 19.95 -32.27
N7A COA G . 14.96 21.94 -33.26
C8A COA G . 15.42 22.97 -33.98
N9A COA G . 14.42 23.39 -34.79
C1B COA G . 14.50 24.48 -35.79
C2B COA G . 14.96 25.84 -35.28
O2B COA G . 13.84 26.64 -34.84
C3B COA G . 15.61 26.39 -36.55
O3B COA G . 14.57 26.83 -37.43
P3B COA G . 14.37 28.33 -37.95
O7A COA G . 12.95 28.76 -37.26
O8A COA G . 14.08 28.14 -39.55
O9A COA G . 15.50 29.22 -37.62
C4B COA G . 16.28 25.17 -37.21
O4B COA G . 15.54 24.00 -36.74
C5B COA G . 17.77 25.11 -36.85
O5B COA G . 17.94 25.16 -35.43
P1A COA G . 19.07 24.25 -34.68
O1A COA G . 19.00 24.39 -33.19
O2A COA G . 20.55 24.68 -35.29
O3A COA G . 18.74 22.76 -35.23
P2A COA G . 19.66 21.45 -34.86
O4A COA G . 19.62 20.51 -36.02
O5A COA G . 21.17 21.97 -34.45
O6A COA G . 18.97 20.78 -33.53
CBP COA G . 18.10 18.84 -32.43
CCP COA G . 18.00 19.74 -33.67
CDP COA G . 16.88 17.89 -32.43
CEP COA G . 19.40 18.00 -32.51
CAP COA G . 18.16 19.77 -31.18
OAP COA G . 16.95 20.55 -31.07
C9P COA G . 18.37 18.97 -29.89
O9P COA G . 19.47 18.51 -29.59
N8P COA G . 17.25 18.87 -29.14
C7P COA G . 17.19 18.14 -27.87
C6P COA G . 17.75 19.00 -26.73
C5P COA G . 17.95 18.04 -25.53
O5P COA G . 18.71 17.08 -25.62
N4P COA G . 17.24 18.31 -24.43
C3P COA G . 17.32 17.40 -23.27
C2P COA G . 16.51 16.14 -23.64
S1P COA G . 16.90 14.70 -22.59
#